data_9S38
#
_entry.id   9S38
#
_cell.length_a   1.00
_cell.length_b   1.00
_cell.length_c   1.00
_cell.angle_alpha   90.00
_cell.angle_beta   90.00
_cell.angle_gamma   90.00
#
_symmetry.space_group_name_H-M   'P 1'
#
loop_
_entity.id
_entity.type
_entity.pdbx_description
1 polymer NB21
2 polymer 'Leucine-rich repeat-containing G-protein coupled receptor 4'
3 polymer NB52
#
loop_
_entity_poly.entity_id
_entity_poly.type
_entity_poly.pdbx_seq_one_letter_code
_entity_poly.pdbx_strand_id
1 'polypeptide(L)'
;VALAESGGGSVAAGGAIRLSCTASGYTYSKYCMGWFRQAPGAERAGVSGITTGGLSPYYADSVAGRFTISRDNIANTLYL
QMNSLAPADTAMYYCAASRLSCSAADFKDFRNFVYWGQGTQVTSA
;
B
2 'polypeptide(L)'
;PCSCDGDRRVDCSGKGLTAVPEGLSAFTQALDISMNNITQLPEDAFANFPFLEELQLAGNDLSFIHPKALSGLKELKVLT
LQNNQLKTVPSEAIRGLSALQSLRLDANHITSVPEDSFEGLVQLRHLWLDDNSLTEVPVHPLSNLPTLQALTLALNKISS
IPDFAFTNLSSLVVLHLHNNKIRSLSQHCFDGLDNLETLDLNYNNLGEFPQAIKALPSLKELGFHSNSISVIPDGAFDGN
PLLRTIHLYDNPLSFVGNSAFHNLSDLHSLVIRGASMVQQFPNLTGTVHLESLTLTGTKISSIPNNLCQEQKMLRTLDLS
YNNIRDLPSFNGCHALEEISLQRNQIYQIKEGTFQGLISLRILDLSRNLIHEIHSRAFATLGPITNLDVSFNELTSFPTE
GLNGLNQLKLVGNFKLKEALAAKDFVNLRSLSVPYAYQCCAFAGCDSYANLNTEDNSLQDHSVAQEKGTADAANVTSTLE
NEEHSQIIIHCTPSTGAFKPCEYLLGSWMIRLTVWFIFLVALFFNLLVILTTFASCTSLPSSKLFIGLISVSNLFMGIYT
GILTFLDAVSWGRFAEFGIWWETGSGCKVAGFLAVFSSESAIFLLMLATVERSLSAKDIMKNGKSNHLKQFRVAALLAFL
GATVAGCFPLFHRGEYSASPLCLPFPGGETPSLGFTVTLVLLNSLAFLLMAVIYTKLYCNLEKEDLSENSQSSMIKHVAW
LIFTNCIFFCPVAFFSFAPLITAISISPEIMKSVTLIFFPLPACLNPVLYVFFNPKFKEDWKLLKRRVTKKS
;
D
3 'polypeptide(L)'
;YSPYCMGWFRQAPGKAREGVATVDLDGSTIYADSVKGRFTISQDNAKNTLYLQMNSLKPEDTAMYYCASRTRAGVTCGLN
WAIFSYWGQGTQVT
;
A
#
# COMPACT_ATOMS: atom_id res chain seq x y z
N VAL A 1 29.47 17.15 3.16
CA VAL A 1 29.84 18.49 3.68
C VAL A 1 29.15 19.56 2.84
N ALA A 2 29.63 19.96 1.65
CA ALA A 2 28.93 21.05 0.99
C ALA A 2 28.14 20.51 -0.19
N LEU A 3 26.91 21.00 -0.33
CA LEU A 3 26.02 20.59 -1.40
C LEU A 3 25.64 21.80 -2.24
N ALA A 4 25.67 21.63 -3.56
CA ALA A 4 25.31 22.70 -4.49
C ALA A 4 24.33 22.16 -5.52
N GLU A 5 23.45 23.03 -6.00
CA GLU A 5 22.41 22.65 -6.94
C GLU A 5 22.42 23.59 -8.14
N SER A 6 21.94 23.10 -9.27
CA SER A 6 21.86 23.90 -10.48
C SER A 6 20.68 23.44 -11.32
N GLY A 7 20.09 24.38 -12.05
CA GLY A 7 18.88 24.16 -12.82
C GLY A 7 17.82 25.19 -12.50
N GLY A 8 16.55 24.81 -12.64
CA GLY A 8 15.46 25.67 -12.25
C GLY A 8 15.18 26.78 -13.25
N GLY A 9 14.16 27.57 -12.92
CA GLY A 9 13.76 28.67 -13.78
C GLY A 9 12.29 28.64 -14.17
N SER A 10 11.93 29.38 -15.21
CA SER A 10 10.55 29.49 -15.66
C SER A 10 10.37 28.73 -16.96
N VAL A 11 9.39 27.83 -16.99
CA VAL A 11 9.13 27.01 -18.18
C VAL A 11 7.62 26.96 -18.42
N ALA A 12 7.23 27.00 -19.68
CA ALA A 12 5.83 26.80 -20.03
C ALA A 12 5.42 25.36 -19.74
N ALA A 13 4.12 25.16 -19.57
CA ALA A 13 3.60 23.84 -19.21
C ALA A 13 3.93 22.81 -20.29
N GLY A 14 4.24 21.60 -19.86
CA GLY A 14 4.56 20.52 -20.77
C GLY A 14 6.00 20.44 -21.22
N GLY A 15 6.90 21.21 -20.60
CA GLY A 15 8.29 21.22 -20.99
C GLY A 15 9.09 20.09 -20.36
N ALA A 16 10.41 20.24 -20.45
CA ALA A 16 11.35 19.29 -19.85
C ALA A 16 12.46 20.08 -19.16
N ILE A 17 12.89 19.60 -17.99
CA ILE A 17 13.89 20.29 -17.18
C ILE A 17 14.78 19.27 -16.51
N ARG A 18 16.06 19.62 -16.37
CA ARG A 18 17.03 18.77 -15.70
C ARG A 18 17.68 19.55 -14.56
N LEU A 19 17.72 18.95 -13.37
CA LEU A 19 18.32 19.55 -12.19
C LEU A 19 19.50 18.69 -11.77
N SER A 20 20.65 19.32 -11.52
CA SER A 20 21.87 18.60 -11.21
C SER A 20 22.44 19.12 -9.89
N CYS A 21 22.77 18.20 -8.99
CA CYS A 21 23.34 18.54 -7.70
C CYS A 21 24.69 17.86 -7.51
N THR A 22 25.62 18.59 -6.93
CA THR A 22 26.95 18.08 -6.61
C THR A 22 27.18 18.14 -5.10
N ALA A 23 27.99 17.21 -4.61
CA ALA A 23 28.29 17.09 -3.20
C ALA A 23 29.79 16.94 -3.00
N SER A 24 30.27 17.48 -1.88
CA SER A 24 31.68 17.36 -1.50
C SER A 24 31.77 16.98 -0.04
N GLY A 25 32.59 15.99 0.26
CA GLY A 25 32.74 15.51 1.62
C GLY A 25 32.81 13.99 1.63
N TYR A 26 32.92 13.45 2.85
CA TYR A 26 33.01 12.00 3.01
C TYR A 26 32.14 11.43 4.12
N THR A 27 31.55 12.24 4.99
CA THR A 27 30.76 11.71 6.08
C THR A 27 29.40 11.21 5.61
N TYR A 28 28.84 11.82 4.57
CA TYR A 28 27.52 11.44 4.09
C TYR A 28 27.54 10.02 3.53
N SER A 29 26.38 9.36 3.59
CA SER A 29 26.21 8.03 3.04
C SER A 29 25.62 8.14 1.64
N LYS A 30 26.34 7.64 0.65
CA LYS A 30 25.93 7.76 -0.74
C LYS A 30 24.75 6.86 -1.11
N TYR A 31 24.15 6.18 -0.14
CA TYR A 31 22.98 5.35 -0.38
C TYR A 31 21.71 5.94 0.20
N CYS A 32 21.71 7.23 0.52
CA CYS A 32 20.52 7.92 1.02
C CYS A 32 20.57 9.36 0.53
N MET A 33 19.90 9.64 -0.58
CA MET A 33 19.75 10.98 -1.11
C MET A 33 18.29 11.20 -1.48
N GLY A 34 17.89 12.46 -1.54
CA GLY A 34 16.52 12.75 -1.90
C GLY A 34 16.35 14.15 -2.43
N TRP A 35 15.27 14.32 -3.19
CA TRP A 35 14.83 15.62 -3.67
C TRP A 35 13.56 16.01 -2.93
N PHE A 36 13.50 17.24 -2.45
CA PHE A 36 12.41 17.69 -1.61
C PHE A 36 11.76 18.93 -2.20
N ARG A 37 10.43 18.96 -2.13
CA ARG A 37 9.61 20.03 -2.68
C ARG A 37 9.03 20.86 -1.55
N GLN A 38 9.05 22.18 -1.72
CA GLN A 38 8.46 23.09 -0.75
C GLN A 38 7.65 24.15 -1.48
N ALA A 39 6.38 24.25 -1.12
CA ALA A 39 5.51 25.33 -1.51
C ALA A 39 5.28 26.25 -0.33
N PRO A 40 5.17 27.56 -0.53
CA PRO A 40 5.01 28.47 0.60
C PRO A 40 3.77 28.15 1.41
N GLY A 41 3.89 28.25 2.73
CA GLY A 41 2.80 27.94 3.62
C GLY A 41 2.65 26.49 3.99
N ALA A 42 3.56 25.62 3.56
CA ALA A 42 3.49 24.19 3.87
C ALA A 42 4.89 23.66 4.15
N GLU A 43 4.93 22.54 4.86
CA GLU A 43 6.20 21.92 5.20
C GLU A 43 6.79 21.20 4.00
N ARG A 44 8.07 20.83 4.12
CA ARG A 44 8.77 20.15 3.04
C ARG A 44 8.20 18.75 2.84
N ALA A 45 8.19 18.32 1.57
CA ALA A 45 7.73 16.99 1.20
C ALA A 45 8.80 16.30 0.37
N GLY A 46 8.80 14.97 0.40
CA GLY A 46 9.78 14.21 -0.35
C GLY A 46 9.30 13.75 -1.71
N VAL A 47 9.87 14.32 -2.78
CA VAL A 47 9.42 13.98 -4.11
C VAL A 47 9.96 12.62 -4.55
N SER A 48 11.27 12.43 -4.46
CA SER A 48 11.90 11.19 -4.88
CA SER A 48 11.91 11.20 -4.90
C SER A 48 13.15 10.94 -4.06
N GLY A 49 13.59 9.69 -4.07
CA GLY A 49 14.76 9.32 -3.32
C GLY A 49 15.38 8.02 -3.78
N ILE A 50 16.66 7.85 -3.46
CA ILE A 50 17.42 6.65 -3.77
C ILE A 50 17.61 5.87 -2.48
N THR A 51 17.24 4.60 -2.49
CA THR A 51 17.33 3.76 -1.32
C THR A 51 17.84 2.38 -1.72
N THR A 52 18.41 1.67 -0.75
CA THR A 52 18.91 0.33 -0.97
C THR A 52 18.65 -0.56 0.25
N SER A 56 15.41 -0.14 -5.98
CA SER A 56 14.03 0.32 -6.06
C SER A 56 13.91 1.76 -5.58
N PRO A 57 14.09 2.71 -6.50
CA PRO A 57 13.96 4.12 -6.13
C PRO A 57 12.56 4.42 -5.62
N TYR A 58 12.47 5.34 -4.66
CA TYR A 58 11.19 5.74 -4.10
C TYR A 58 10.68 6.97 -4.84
N TYR A 59 9.48 6.86 -5.40
CA TYR A 59 8.84 7.93 -6.13
C TYR A 59 7.54 8.31 -5.44
N ALA A 60 7.25 9.61 -5.38
CA ALA A 60 5.96 10.05 -4.87
C ALA A 60 4.70 9.74 -5.67
N ASP A 61 3.57 9.76 -4.98
CA ASP A 61 2.28 9.46 -5.64
C ASP A 61 2.19 10.30 -6.91
N SER A 62 2.12 11.63 -6.75
CA SER A 62 1.96 12.53 -7.88
C SER A 62 2.89 12.55 -9.08
N VAL A 63 4.19 12.36 -8.85
CA VAL A 63 5.18 12.54 -9.91
C VAL A 63 5.50 11.20 -10.57
N ALA A 64 4.73 10.18 -10.24
CA ALA A 64 4.97 8.84 -10.81
C ALA A 64 4.78 8.88 -12.32
N GLY A 65 5.75 8.33 -13.05
CA GLY A 65 5.67 8.23 -14.49
C GLY A 65 6.23 9.39 -15.26
N ARG A 66 6.63 10.47 -14.60
CA ARG A 66 7.17 11.65 -15.28
C ARG A 66 8.50 12.11 -14.71
N PHE A 67 9.05 11.42 -13.72
CA PHE A 67 10.25 11.88 -13.03
C PHE A 67 11.29 10.77 -13.02
N THR A 68 12.52 11.12 -13.39
CA THR A 68 13.62 10.17 -13.39
C THR A 68 14.72 10.67 -12.46
N ILE A 69 15.24 9.79 -11.61
CA ILE A 69 16.29 10.13 -10.67
C ILE A 69 17.46 9.19 -10.91
N SER A 70 18.67 9.74 -10.95
CA SER A 70 19.86 8.95 -11.21
C SER A 70 21.04 9.49 -10.42
N ARG A 71 22.02 8.61 -10.18
CA ARG A 71 23.23 8.97 -9.47
C ARG A 71 24.43 8.50 -10.29
N ASP A 72 25.44 9.36 -10.40
CA ASP A 72 26.68 9.03 -11.09
C ASP A 72 27.82 9.18 -10.10
N ASN A 73 28.35 8.07 -9.61
CA ASN A 73 29.46 8.09 -8.67
C ASN A 73 30.80 8.27 -9.35
N ILE A 74 30.84 8.28 -10.68
CA ILE A 74 32.07 8.57 -11.39
C ILE A 74 32.51 10.00 -11.10
N ALA A 75 31.56 10.93 -11.12
CA ALA A 75 31.82 12.33 -10.82
C ALA A 75 31.04 12.83 -9.62
N ASN A 76 30.36 11.94 -8.89
CA ASN A 76 29.64 12.28 -7.65
C ASN A 76 28.58 13.35 -7.91
N THR A 77 27.60 12.98 -8.72
CA THR A 77 26.55 13.91 -9.13
C THR A 77 25.19 13.22 -9.06
N LEU A 78 24.18 13.98 -8.67
CA LEU A 78 22.81 13.49 -8.61
C LEU A 78 21.97 14.25 -9.64
N TYR A 79 21.22 13.51 -10.46
CA TYR A 79 20.44 14.07 -11.53
C TYR A 79 18.95 13.79 -11.32
N LEU A 80 18.12 14.81 -11.54
CA LEU A 80 16.67 14.64 -11.52
C LEU A 80 16.12 15.33 -12.76
N GLN A 81 15.44 14.58 -13.61
CA GLN A 81 14.92 15.10 -14.87
C GLN A 81 13.40 14.96 -14.83
N MET A 82 12.70 16.03 -15.21
CA MET A 82 11.25 16.11 -15.21
C MET A 82 10.79 16.43 -16.62
N ASN A 83 9.63 15.91 -17.00
CA ASN A 83 9.03 16.22 -18.28
C ASN A 83 7.52 16.23 -18.15
N SER A 84 6.86 17.03 -19.00
CA SER A 84 5.41 17.18 -19.00
C SER A 84 4.92 17.66 -17.63
N LEU A 85 5.40 18.85 -17.24
CA LEU A 85 5.07 19.39 -15.94
C LEU A 85 3.66 19.99 -15.94
N ALA A 86 3.02 19.95 -14.79
CA ALA A 86 1.79 20.65 -14.48
C ALA A 86 2.08 21.89 -13.65
N PRO A 87 1.24 22.92 -13.72
CA PRO A 87 1.53 24.15 -12.98
C PRO A 87 1.67 23.95 -11.48
N ALA A 88 0.95 22.97 -10.91
CA ALA A 88 1.05 22.68 -9.49
C ALA A 88 2.47 22.28 -9.07
N ASP A 89 3.39 22.07 -10.03
CA ASP A 89 4.77 21.74 -9.70
C ASP A 89 5.60 22.97 -9.36
N THR A 90 5.06 24.17 -9.52
CA THR A 90 5.83 25.39 -9.26
C THR A 90 6.15 25.48 -7.77
N ALA A 91 7.43 25.40 -7.43
CA ALA A 91 7.84 25.41 -6.02
C ALA A 91 9.35 25.54 -5.92
N MET A 92 9.85 25.47 -4.69
CA MET A 92 11.27 25.47 -4.39
C MET A 92 11.73 24.03 -4.17
N TYR A 93 12.91 23.71 -4.67
CA TYR A 93 13.44 22.36 -4.65
C TYR A 93 14.75 22.32 -3.87
N TYR A 94 14.90 21.26 -3.07
CA TYR A 94 16.05 21.07 -2.20
C TYR A 94 16.64 19.69 -2.45
N CYS A 95 17.94 19.56 -2.23
CA CYS A 95 18.61 18.27 -2.22
C CYS A 95 19.02 17.94 -0.80
N ALA A 96 18.66 16.73 -0.34
CA ALA A 96 18.91 16.31 1.02
C ALA A 96 19.74 15.04 1.03
N ALA A 97 20.72 14.98 1.93
CA ALA A 97 21.55 13.81 2.12
C ALA A 97 21.60 13.47 3.60
N SER A 98 21.55 12.18 3.90
CA SER A 98 21.56 11.69 5.27
C SER A 98 22.95 11.22 5.66
N ARG A 99 23.06 10.73 6.89
CA ARG A 99 24.30 10.16 7.40
C ARG A 99 24.20 8.66 7.61
N LEU A 100 22.99 8.13 7.76
CA LEU A 100 22.76 6.69 7.89
C LEU A 100 22.08 6.17 6.63
N SER A 101 22.20 4.86 6.43
CA SER A 101 21.49 4.22 5.31
C SER A 101 20.02 4.35 5.62
N CYS A 102 19.16 4.36 4.62
CA CYS A 102 17.74 4.56 4.80
C CYS A 102 16.96 3.68 3.84
N SER A 103 15.70 3.46 4.17
CA SER A 103 14.76 2.71 3.34
C SER A 103 13.73 3.68 2.77
N ALA A 104 12.75 3.12 2.04
CA ALA A 104 11.70 3.96 1.46
C ALA A 104 10.84 4.59 2.55
N ALA A 105 10.65 3.90 3.67
CA ALA A 105 9.75 4.39 4.71
C ALA A 105 10.28 5.66 5.37
N ASP A 106 11.58 5.93 5.26
CA ASP A 106 12.16 7.11 5.90
C ASP A 106 11.90 8.38 5.11
N PHE A 107 11.43 8.27 3.87
CA PHE A 107 11.30 9.45 3.02
C PHE A 107 10.13 10.43 3.11
N LYS A 108 9.10 10.08 3.85
CA LYS A 108 7.93 10.97 3.98
C LYS A 108 8.06 11.89 5.22
N ASP A 109 9.11 11.68 6.00
CA ASP A 109 9.45 12.46 7.18
C ASP A 109 10.81 13.07 6.85
N PHE A 110 10.87 14.40 6.77
CA PHE A 110 12.10 15.08 6.43
C PHE A 110 13.06 15.15 7.60
N ARG A 111 12.56 15.12 8.83
CA ARG A 111 13.38 15.40 10.00
C ARG A 111 14.56 14.45 10.12
N ASN A 112 14.47 13.26 9.52
CA ASN A 112 15.57 12.32 9.59
C ASN A 112 16.81 12.84 8.87
N PHE A 113 16.61 13.50 7.72
CA PHE A 113 17.75 13.98 6.95
C PHE A 113 18.44 15.14 7.65
N VAL A 114 19.74 15.29 7.38
CA VAL A 114 20.60 16.21 8.11
C VAL A 114 21.25 17.23 7.17
N TYR A 115 21.90 16.76 6.12
CA TYR A 115 22.65 17.62 5.21
C TYR A 115 21.69 18.21 4.17
N TRP A 116 21.56 19.53 4.18
CA TRP A 116 20.63 20.22 3.29
C TRP A 116 21.38 21.19 2.38
N GLY A 117 20.84 21.38 1.18
CA GLY A 117 21.38 22.34 0.24
C GLY A 117 20.67 23.67 0.28
N GLN A 118 21.17 24.61 -0.51
CA GLN A 118 20.61 25.96 -0.51
C GLN A 118 19.29 26.03 -1.28
N GLY A 119 19.17 25.29 -2.37
CA GLY A 119 17.89 25.14 -3.04
C GLY A 119 17.80 25.96 -4.31
N THR A 120 16.79 25.63 -5.12
CA THR A 120 16.53 26.32 -6.37
C THR A 120 15.03 26.54 -6.52
N GLN A 121 14.63 27.35 -7.50
CA GLN A 121 13.24 27.72 -7.69
C GLN A 121 12.82 27.35 -9.10
N VAL A 122 11.67 26.68 -9.25
CA VAL A 122 11.18 26.28 -10.56
C VAL A 122 9.70 26.62 -10.67
N THR A 123 9.33 27.33 -11.72
CA THR A 123 7.94 27.68 -11.97
C THR A 123 7.51 27.18 -13.34
N SER A 124 6.29 26.64 -13.38
CA SER A 124 5.70 26.07 -14.58
C SER A 124 4.41 26.80 -14.91
N ALA A 125 4.31 27.27 -16.15
CA ALA A 125 3.14 28.00 -16.61
C ALA A 125 2.37 27.20 -17.65
N PRO B 1 44.54 18.78 -26.62
CA PRO B 1 43.48 17.78 -26.41
C PRO B 1 42.68 18.05 -25.13
N CYS B 2 43.38 18.32 -24.04
CA CYS B 2 42.75 18.62 -22.75
C CYS B 2 42.94 20.09 -22.43
N SER B 3 41.86 20.76 -22.05
CA SER B 3 41.90 22.19 -21.78
C SER B 3 42.78 22.48 -20.56
N CYS B 4 43.36 23.67 -20.54
CA CYS B 4 44.20 24.12 -19.45
C CYS B 4 43.41 25.11 -18.60
N ASP B 5 43.23 24.78 -17.32
CA ASP B 5 42.46 25.66 -16.42
C ASP B 5 43.19 26.96 -16.16
N GLY B 6 44.51 26.99 -16.28
CA GLY B 6 45.30 28.17 -15.99
C GLY B 6 45.81 28.23 -14.57
N ASP B 7 45.22 27.39 -13.71
CA ASP B 7 45.56 27.36 -12.26
C ASP B 7 46.29 26.04 -11.96
N ARG B 8 46.95 25.46 -12.96
CA ARG B 8 47.60 24.16 -12.73
C ARG B 8 46.50 23.14 -12.45
N ARG B 9 45.54 22.97 -13.35
CA ARG B 9 44.56 21.91 -13.25
C ARG B 9 44.27 21.37 -14.65
N VAL B 10 44.35 20.05 -14.81
CA VAL B 10 44.17 19.41 -16.10
C VAL B 10 43.05 18.39 -16.08
N ASP B 11 42.18 18.51 -17.10
CA ASP B 11 40.97 17.65 -17.19
C ASP B 11 40.91 16.87 -18.50
N CYS B 12 40.71 15.55 -18.45
CA CYS B 12 40.54 14.73 -19.65
C CYS B 12 39.32 13.82 -19.54
N SER B 13 38.33 14.07 -20.38
CA SER B 13 37.11 13.29 -20.46
C SER B 13 36.68 12.69 -21.78
N GLY B 14 36.65 11.37 -21.87
CA GLY B 14 36.29 10.69 -23.11
C GLY B 14 36.99 11.10 -24.39
N LYS B 15 38.31 11.27 -24.34
CA LYS B 15 39.09 11.56 -25.54
C LYS B 15 39.91 10.34 -26.13
N GLY B 16 39.43 9.17 -25.70
CA GLY B 16 40.04 7.92 -26.12
C GLY B 16 41.52 7.70 -25.96
N LEU B 17 42.04 7.90 -24.75
CA LEU B 17 43.47 7.79 -24.48
C LEU B 17 43.79 6.40 -23.95
N THR B 18 44.80 5.77 -24.54
CA THR B 18 45.29 4.47 -24.08
C THR B 18 46.61 4.58 -23.34
N ALA B 19 47.15 5.78 -23.19
CA ALA B 19 48.40 6.00 -22.50
C ALA B 19 48.34 7.34 -21.77
N VAL B 20 49.30 7.54 -20.86
CA VAL B 20 49.32 8.77 -20.07
C VAL B 20 49.58 9.96 -20.98
N PRO B 21 48.80 11.03 -20.88
CA PRO B 21 49.10 12.24 -21.67
C PRO B 21 50.46 12.82 -21.31
N GLU B 22 51.08 13.44 -22.30
CA GLU B 22 52.41 14.02 -22.15
C GLU B 22 52.43 15.41 -22.76
N GLY B 23 53.51 16.14 -22.47
CA GLY B 23 53.70 17.47 -23.00
C GLY B 23 53.08 18.59 -22.20
N LEU B 24 52.39 18.28 -21.11
CA LEU B 24 51.76 19.31 -20.30
C LEU B 24 52.78 19.99 -19.40
N SER B 25 52.37 21.08 -18.76
CA SER B 25 53.24 21.80 -17.85
C SER B 25 53.62 20.94 -16.66
N ALA B 26 54.90 20.99 -16.28
CA ALA B 26 55.38 20.23 -15.14
C ALA B 26 54.90 20.80 -13.81
N PHE B 27 54.27 21.97 -13.81
CA PHE B 27 53.82 22.61 -12.58
C PHE B 27 52.35 22.36 -12.28
N THR B 28 51.70 21.48 -13.05
CA THR B 28 50.29 21.22 -12.84
C THR B 28 50.06 20.60 -11.46
N GLN B 29 48.91 20.93 -10.86
CA GLN B 29 48.61 20.55 -9.48
C GLN B 29 47.61 19.42 -9.37
N ALA B 30 46.58 19.39 -10.21
CA ALA B 30 45.54 18.37 -10.14
C ALA B 30 45.32 17.76 -11.51
N LEU B 31 45.15 16.44 -11.56
CA LEU B 31 45.01 15.72 -12.81
C LEU B 31 43.83 14.77 -12.74
N ASP B 32 42.94 14.87 -13.73
CA ASP B 32 41.76 14.03 -13.83
C ASP B 32 41.78 13.30 -15.17
N ILE B 33 41.60 11.98 -15.13
CA ILE B 33 41.41 11.17 -16.32
C ILE B 33 40.19 10.30 -16.10
N SER B 34 39.18 10.47 -16.96
CA SER B 34 37.89 9.77 -16.78
C SER B 34 37.33 9.29 -18.12
N MET B 35 36.69 8.14 -18.17
CA MET B 35 36.03 7.56 -19.34
C MET B 35 36.92 7.23 -20.54
N ASN B 36 38.23 7.19 -20.36
CA ASN B 36 39.13 6.78 -21.42
C ASN B 36 39.31 5.27 -21.43
N ASN B 37 40.24 4.78 -22.25
CA ASN B 37 40.50 3.35 -22.38
C ASN B 37 41.92 2.91 -22.02
N ILE B 38 42.44 3.42 -20.90
CA ILE B 38 43.74 2.95 -20.41
C ILE B 38 43.55 1.64 -19.66
N THR B 39 44.31 0.62 -20.03
CA THR B 39 44.21 -0.68 -19.39
C THR B 39 45.41 -1.04 -18.54
N GLN B 40 46.60 -0.56 -18.88
CA GLN B 40 47.79 -0.84 -18.09
C GLN B 40 48.58 0.44 -17.89
N LEU B 41 49.28 0.52 -16.76
CA LEU B 41 50.08 1.68 -16.45
C LEU B 41 51.56 1.35 -16.61
N PRO B 42 52.24 1.88 -17.62
CA PRO B 42 53.65 1.56 -17.81
C PRO B 42 54.52 2.12 -16.69
N GLU B 43 55.70 1.53 -16.57
CA GLU B 43 56.65 1.97 -15.55
C GLU B 43 57.09 3.42 -15.78
N ASP B 44 57.22 4.17 -14.69
CA ASP B 44 57.62 5.57 -14.73
C ASP B 44 56.69 6.40 -15.61
N ALA B 45 55.38 6.14 -15.50
CA ALA B 45 54.42 6.89 -16.29
C ALA B 45 54.27 8.33 -15.77
N PHE B 46 54.32 8.52 -14.46
CA PHE B 46 54.09 9.81 -13.85
C PHE B 46 55.37 10.46 -13.32
N ALA B 47 56.52 10.06 -13.84
CA ALA B 47 57.77 10.69 -13.43
C ALA B 47 57.92 12.10 -13.97
N ASN B 48 57.07 12.50 -14.91
CA ASN B 48 57.21 13.81 -15.53
C ASN B 48 56.76 14.93 -14.60
N PHE B 49 55.65 14.74 -13.89
CA PHE B 49 55.07 15.80 -13.08
C PHE B 49 55.42 15.60 -11.62
N PRO B 50 56.24 16.46 -11.02
CA PRO B 50 56.59 16.34 -9.60
C PRO B 50 55.75 17.18 -8.64
N PHE B 51 54.76 17.92 -9.12
CA PHE B 51 53.96 18.76 -8.23
C PHE B 51 52.47 18.44 -8.36
N LEU B 52 52.13 17.16 -8.41
CA LEU B 52 50.74 16.72 -8.55
C LEU B 52 50.15 16.54 -7.16
N GLU B 53 48.95 17.07 -6.95
CA GLU B 53 48.30 17.07 -5.65
C GLU B 53 47.10 16.13 -5.57
N GLU B 54 46.27 16.12 -6.61
CA GLU B 54 45.04 15.33 -6.62
C GLU B 54 45.00 14.52 -7.90
N LEU B 55 44.62 13.25 -7.78
CA LEU B 55 44.72 12.32 -8.90
C LEU B 55 43.43 11.53 -9.08
N GLN B 56 42.82 11.69 -10.26
CA GLN B 56 41.60 10.98 -10.61
C GLN B 56 41.83 10.01 -11.75
N LEU B 57 41.59 8.71 -11.50
CA LEU B 57 41.50 7.71 -12.56
C LEU B 57 40.16 7.02 -12.46
N ALA B 58 39.18 7.50 -13.22
CA ALA B 58 37.80 7.07 -13.07
C ALA B 58 37.33 6.34 -14.32
N GLY B 59 36.60 5.24 -14.12
CA GLY B 59 35.95 4.53 -15.19
C GLY B 59 36.67 3.76 -16.29
N ASN B 60 37.95 4.03 -16.52
CA ASN B 60 38.66 3.21 -17.51
C ASN B 60 39.03 1.89 -16.88
N ASP B 61 39.41 0.91 -17.70
CA ASP B 61 39.78 -0.42 -17.21
C ASP B 61 41.22 -0.73 -16.86
N LEU B 62 41.78 -0.02 -15.88
CA LEU B 62 43.13 -0.30 -15.44
C LEU B 62 43.20 -1.66 -14.76
N SER B 63 44.21 -2.44 -15.11
CA SER B 63 44.32 -3.78 -14.53
C SER B 63 45.67 -4.04 -13.90
N PHE B 64 46.75 -3.51 -14.47
CA PHE B 64 48.09 -3.72 -13.96
C PHE B 64 48.76 -2.38 -13.68
N ILE B 65 49.45 -2.30 -12.55
CA ILE B 65 50.17 -1.10 -12.14
C ILE B 65 51.60 -1.49 -11.80
N HIS B 66 52.55 -0.82 -12.45
CA HIS B 66 53.94 -1.13 -12.09
C HIS B 66 54.26 -0.57 -10.71
N PRO B 67 55.02 -1.31 -9.90
CA PRO B 67 55.34 -0.81 -8.56
C PRO B 67 56.07 0.52 -8.55
N LYS B 68 56.94 0.77 -9.53
CA LYS B 68 57.70 2.00 -9.57
C LYS B 68 56.99 3.12 -10.31
N ALA B 69 55.82 2.86 -10.89
CA ALA B 69 55.12 3.88 -11.66
C ALA B 69 54.70 5.05 -10.78
N LEU B 70 54.19 4.76 -9.58
CA LEU B 70 53.68 5.80 -8.70
C LEU B 70 54.77 6.50 -7.90
N SER B 71 56.03 6.06 -8.01
CA SER B 71 57.10 6.69 -7.28
C SER B 71 57.32 8.12 -7.77
N GLY B 72 57.80 8.98 -6.86
CA GLY B 72 58.04 10.36 -7.17
C GLY B 72 56.89 11.30 -6.82
N LEU B 73 55.73 10.76 -6.48
CA LEU B 73 54.57 11.58 -6.13
C LEU B 73 54.49 11.69 -4.61
N LYS B 74 55.45 12.43 -4.05
CA LYS B 74 55.58 12.53 -2.60
C LYS B 74 54.59 13.49 -1.97
N GLU B 75 53.95 14.34 -2.76
CA GLU B 75 53.01 15.34 -2.24
C GLU B 75 51.56 15.03 -2.60
N LEU B 76 51.28 13.84 -3.12
CA LEU B 76 49.91 13.50 -3.50
C LEU B 76 49.01 13.45 -2.27
N LYS B 77 47.78 13.93 -2.43
CA LYS B 77 46.82 14.01 -1.32
C LYS B 77 45.59 13.15 -1.52
N VAL B 78 44.96 13.23 -2.69
CA VAL B 78 43.70 12.54 -2.96
C VAL B 78 43.91 11.58 -4.12
N LEU B 79 43.50 10.33 -3.93
CA LEU B 79 43.64 9.29 -4.96
C LEU B 79 42.31 8.57 -5.12
N THR B 80 41.73 8.65 -6.32
CA THR B 80 40.45 8.00 -6.58
C THR B 80 40.59 6.98 -7.70
N LEU B 81 40.16 5.73 -7.48
CA LEU B 81 40.18 4.66 -8.50
C LEU B 81 38.92 3.82 -8.32
N GLN B 82 37.80 4.13 -8.95
CA GLN B 82 36.52 3.46 -8.80
C GLN B 82 36.02 2.98 -10.13
N ASN B 83 35.19 1.93 -10.12
CA ASN B 83 34.64 1.34 -11.35
C ASN B 83 35.66 0.87 -12.37
N ASN B 84 36.90 0.62 -11.92
CA ASN B 84 37.95 0.09 -12.82
C ASN B 84 37.95 -1.44 -12.69
N GLN B 85 38.98 -2.15 -13.16
CA GLN B 85 39.08 -3.61 -13.15
C GLN B 85 40.20 -4.24 -12.35
N LEU B 86 40.68 -3.58 -11.30
CA LEU B 86 41.65 -4.21 -10.41
C LEU B 86 40.99 -5.35 -9.64
N LYS B 87 41.79 -6.37 -9.32
CA LYS B 87 41.30 -7.53 -8.61
C LYS B 87 41.81 -7.64 -7.18
N THR B 88 42.89 -6.95 -6.84
CA THR B 88 43.42 -6.98 -5.48
C THR B 88 43.90 -5.59 -5.11
N VAL B 89 43.95 -5.34 -3.80
CA VAL B 89 44.45 -4.05 -3.32
C VAL B 89 45.93 -3.92 -3.67
N PRO B 90 46.34 -2.84 -4.32
CA PRO B 90 47.75 -2.70 -4.74
C PRO B 90 48.68 -2.38 -3.57
N SER B 91 49.13 -3.44 -2.89
CA SER B 91 50.06 -3.25 -1.77
C SER B 91 51.33 -2.55 -2.22
N GLU B 92 51.76 -2.78 -3.46
CA GLU B 92 52.88 -2.06 -4.02
C GLU B 92 52.41 -0.81 -4.74
N ALA B 93 53.35 0.09 -5.00
CA ALA B 93 53.14 1.42 -5.58
C ALA B 93 52.33 2.33 -4.69
N ILE B 94 51.98 1.89 -3.47
CA ILE B 94 51.28 2.73 -2.52
C ILE B 94 52.14 3.10 -1.32
N ARG B 95 53.13 2.28 -0.96
CA ARG B 95 53.96 2.55 0.21
C ARG B 95 54.76 3.84 0.05
N GLY B 96 55.00 4.27 -1.19
CA GLY B 96 55.80 5.47 -1.39
C GLY B 96 55.13 6.75 -0.90
N LEU B 97 53.84 6.90 -1.18
CA LEU B 97 53.12 8.14 -0.90
C LEU B 97 52.88 8.26 0.60
N SER B 98 53.75 9.00 1.28
CA SER B 98 53.64 9.16 2.72
C SER B 98 52.53 10.15 3.09
N ALA B 99 52.32 11.18 2.26
CA ALA B 99 51.43 12.28 2.59
C ALA B 99 50.06 12.16 1.94
N LEU B 100 49.56 10.94 1.77
CA LEU B 100 48.24 10.73 1.18
C LEU B 100 47.16 11.01 2.20
N GLN B 101 46.04 11.56 1.73
CA GLN B 101 44.93 11.94 2.61
C GLN B 101 43.70 11.04 2.42
N SER B 102 43.22 10.93 1.18
CA SER B 102 41.99 10.19 0.90
C SER B 102 42.21 9.17 -0.20
N LEU B 103 41.64 7.97 -0.01
CA LEU B 103 41.81 6.86 -0.94
C LEU B 103 40.44 6.22 -1.19
N ARG B 104 40.05 6.16 -2.44
CA ARG B 104 38.71 5.61 -2.77
C ARG B 104 38.88 4.42 -3.66
N LEU B 105 38.46 3.24 -3.26
CA LEU B 105 38.45 2.02 -4.08
C LEU B 105 37.06 1.39 -4.06
N ASP B 106 36.22 1.79 -5.01
CA ASP B 106 34.85 1.30 -5.11
C ASP B 106 34.61 0.52 -6.39
N ALA B 107 33.60 -0.35 -6.33
CA ALA B 107 33.10 -1.11 -7.47
C ALA B 107 34.12 -2.01 -8.15
N ASN B 108 35.30 -2.20 -7.55
CA ASN B 108 36.33 -3.04 -8.12
C ASN B 108 36.25 -4.41 -7.46
N HIS B 109 36.23 -5.47 -8.27
CA HIS B 109 36.08 -6.80 -7.71
C HIS B 109 37.34 -7.23 -6.98
N ILE B 110 37.37 -7.03 -5.67
CA ILE B 110 38.51 -7.32 -4.83
C ILE B 110 38.14 -8.46 -3.90
N THR B 111 39.03 -9.45 -3.80
CA THR B 111 38.80 -10.61 -2.96
C THR B 111 39.84 -10.81 -1.88
N SER B 112 41.09 -10.41 -2.10
CA SER B 112 42.17 -10.66 -1.15
C SER B 112 42.94 -9.37 -0.91
N VAL B 113 43.31 -9.15 0.34
CA VAL B 113 44.10 -7.99 0.76
C VAL B 113 45.45 -8.51 1.26
N PRO B 114 46.56 -8.17 0.61
CA PRO B 114 47.86 -8.64 1.09
C PRO B 114 48.18 -8.11 2.48
N GLU B 115 48.98 -8.89 3.21
CA GLU B 115 49.24 -8.59 4.62
C GLU B 115 49.94 -7.25 4.81
N ASP B 116 50.94 -6.96 3.98
CA ASP B 116 51.76 -5.77 4.15
C ASP B 116 51.08 -4.54 3.55
N SER B 117 49.85 -4.67 3.07
CA SER B 117 49.15 -3.54 2.49
C SER B 117 48.89 -2.44 3.50
N PHE B 118 48.66 -1.23 2.99
CA PHE B 118 48.38 -0.04 3.81
C PHE B 118 49.47 0.21 4.86
N GLU B 119 50.72 0.07 4.44
CA GLU B 119 51.86 0.28 5.33
C GLU B 119 52.63 1.51 4.84
N GLY B 120 53.03 2.35 5.80
CA GLY B 120 53.75 3.57 5.49
C GLY B 120 52.86 4.77 5.28
N LEU B 121 51.55 4.59 5.11
CA LEU B 121 50.63 5.76 5.01
C LEU B 121 50.40 6.23 6.45
N VAL B 122 50.94 7.38 6.85
CA VAL B 122 50.88 7.85 8.23
C VAL B 122 49.74 8.82 8.50
N GLN B 123 49.18 9.45 7.47
CA GLN B 123 48.13 10.44 7.65
C GLN B 123 46.98 10.26 6.66
N LEU B 124 46.55 9.02 6.49
CA LEU B 124 45.37 8.73 5.66
C LEU B 124 44.15 8.92 6.56
N ARG B 125 43.16 9.66 6.06
CA ARG B 125 41.99 10.00 6.86
C ARG B 125 40.70 9.37 6.33
N HIS B 126 40.58 9.20 5.01
CA HIS B 126 39.39 8.62 4.40
C HIS B 126 39.80 7.44 3.54
N LEU B 127 39.13 6.31 3.75
CA LEU B 127 39.37 5.10 2.98
C LEU B 127 38.03 4.45 2.67
N TRP B 128 37.72 4.30 1.39
CA TRP B 128 36.42 3.78 0.98
C TRP B 128 36.58 2.40 0.35
N LEU B 129 35.98 1.34 0.92
CA LEU B 129 36.07 -0.04 0.39
C LEU B 129 34.72 -0.75 0.32
N ASP B 130 33.88 -0.50 -0.67
CA ASP B 130 32.54 -1.06 -0.75
C ASP B 130 32.22 -1.55 -2.16
N ASP B 131 31.14 -2.34 -2.26
CA ASP B 131 30.70 -2.96 -3.49
C ASP B 131 31.72 -3.96 -4.05
N ASN B 132 32.64 -4.40 -3.21
CA ASN B 132 33.61 -5.42 -3.57
C ASN B 132 33.12 -6.78 -3.08
N SER B 133 33.98 -7.79 -3.19
CA SER B 133 33.66 -9.16 -2.80
C SER B 133 34.55 -9.62 -1.66
N LEU B 134 34.81 -8.74 -0.70
CA LEU B 134 35.59 -9.12 0.47
C LEU B 134 34.83 -10.15 1.30
N THR B 135 35.57 -11.07 1.91
CA THR B 135 34.98 -12.09 2.76
C THR B 135 35.41 -12.14 4.22
N GLU B 136 36.43 -11.39 4.58
CA GLU B 136 36.86 -11.32 5.99
C GLU B 136 37.60 -10.01 6.22
N VAL B 137 37.35 -9.36 7.35
CA VAL B 137 37.95 -8.06 7.62
C VAL B 137 39.48 -8.10 7.69
N PRO B 138 40.19 -7.22 6.99
CA PRO B 138 41.67 -7.22 7.02
C PRO B 138 42.22 -6.62 8.32
N VAL B 139 42.30 -7.48 9.34
CA VAL B 139 42.63 -7.02 10.69
C VAL B 139 44.02 -6.41 10.74
N HIS B 140 45.01 -7.10 10.18
CA HIS B 140 46.39 -6.58 10.24
C HIS B 140 46.54 -5.29 9.43
N PRO B 141 46.11 -5.19 8.17
CA PRO B 141 46.21 -3.90 7.48
C PRO B 141 45.42 -2.80 8.14
N LEU B 142 44.27 -3.10 8.73
CA LEU B 142 43.53 -2.08 9.46
C LEU B 142 44.30 -1.60 10.68
N SER B 143 44.91 -2.52 11.42
CA SER B 143 45.73 -2.15 12.57
C SER B 143 46.93 -1.32 12.15
N ASN B 144 47.39 -1.51 10.91
CA ASN B 144 48.51 -0.70 10.42
C ASN B 144 48.16 0.79 10.35
N LEU B 145 46.88 1.15 10.32
CA LEU B 145 46.48 2.54 10.14
C LEU B 145 46.02 3.13 11.47
N PRO B 146 46.75 4.10 12.04
CA PRO B 146 46.37 4.63 13.35
C PRO B 146 45.54 5.91 13.31
N THR B 147 45.40 6.55 12.15
CA THR B 147 44.80 7.88 12.08
C THR B 147 43.64 7.92 11.10
N LEU B 148 42.84 6.86 11.05
CA LEU B 148 41.72 6.77 10.13
C LEU B 148 40.46 7.34 10.79
N GLN B 149 39.68 8.10 10.02
CA GLN B 149 38.47 8.73 10.54
C GLN B 149 37.21 7.97 10.18
N ALA B 150 36.93 7.82 8.88
CA ALA B 150 35.66 7.27 8.40
C ALA B 150 35.92 5.97 7.65
N LEU B 151 35.14 4.94 7.98
CA LEU B 151 35.37 3.64 7.36
C LEU B 151 34.05 3.08 6.81
N THR B 152 34.07 2.73 5.52
CA THR B 152 32.89 2.19 4.84
C THR B 152 33.27 0.87 4.17
N LEU B 153 32.64 -0.21 4.64
CA LEU B 153 32.72 -1.54 4.03
C LEU B 153 31.30 -2.03 3.83
N ALA B 154 30.68 -1.68 2.70
CA ALA B 154 29.29 -2.00 2.45
C ALA B 154 29.19 -2.97 1.28
N LEU B 155 28.09 -3.72 1.26
CA LEU B 155 27.75 -4.65 0.18
C LEU B 155 28.80 -5.74 -0.02
N ASN B 156 29.69 -5.93 0.96
CA ASN B 156 30.69 -6.98 0.87
C ASN B 156 30.06 -8.31 1.31
N LYS B 157 30.88 -9.33 1.50
CA LYS B 157 30.41 -10.66 1.87
C LYS B 157 31.02 -11.12 3.20
N ILE B 158 31.20 -10.20 4.15
CA ILE B 158 31.71 -10.57 5.46
C ILE B 158 30.67 -11.39 6.19
N SER B 159 31.13 -12.38 6.96
CA SER B 159 30.24 -13.30 7.65
C SER B 159 30.30 -13.18 9.17
N SER B 160 31.47 -12.96 9.74
CA SER B 160 31.60 -12.84 11.18
C SER B 160 32.81 -11.96 11.50
N ILE B 161 32.72 -11.27 12.63
CA ILE B 161 33.76 -10.33 13.07
C ILE B 161 34.53 -11.00 14.20
N PRO B 162 35.84 -11.23 14.05
CA PRO B 162 36.61 -11.81 15.15
C PRO B 162 36.88 -10.78 16.25
N ASP B 163 37.33 -11.29 17.39
CA ASP B 163 37.60 -10.44 18.54
C ASP B 163 38.78 -9.51 18.28
N PHE B 164 38.74 -8.35 18.92
CA PHE B 164 39.82 -7.36 18.85
C PHE B 164 40.11 -6.95 17.41
N ALA B 165 39.04 -6.63 16.68
CA ALA B 165 39.20 -6.28 15.26
C ALA B 165 39.78 -4.89 15.10
N PHE B 166 39.32 -3.93 15.89
CA PHE B 166 39.64 -2.51 15.70
C PHE B 166 40.32 -1.91 16.93
N THR B 167 41.32 -2.60 17.47
CA THR B 167 41.95 -2.12 18.69
C THR B 167 42.74 -0.83 18.45
N ASN B 168 43.46 -0.75 17.34
CA ASN B 168 44.42 0.33 17.15
C ASN B 168 43.84 1.57 16.50
N LEU B 169 42.55 1.57 16.15
CA LEU B 169 41.91 2.75 15.56
C LEU B 169 41.35 3.61 16.68
N SER B 170 42.10 4.65 17.05
CA SER B 170 41.70 5.51 18.15
C SER B 170 40.79 6.65 17.70
N SER B 171 41.00 7.16 16.49
CA SER B 171 40.31 8.36 16.01
C SER B 171 39.32 8.05 14.90
N LEU B 172 38.70 6.86 14.94
CA LEU B 172 37.66 6.52 13.99
C LEU B 172 36.34 7.14 14.42
N VAL B 173 35.61 7.73 13.48
CA VAL B 173 34.41 8.51 13.82
C VAL B 173 33.14 7.82 13.34
N VAL B 174 33.10 7.30 12.11
CA VAL B 174 31.89 6.70 11.56
C VAL B 174 32.23 5.36 10.93
N LEU B 175 31.33 4.39 11.12
CA LEU B 175 31.53 3.03 10.62
C LEU B 175 30.26 2.54 9.92
N HIS B 176 30.42 2.16 8.66
CA HIS B 176 29.32 1.67 7.84
C HIS B 176 29.58 0.22 7.45
N LEU B 177 28.68 -0.68 7.88
CA LEU B 177 28.70 -2.09 7.47
C LEU B 177 27.25 -2.52 7.32
N HIS B 178 26.70 -2.37 6.11
CA HIS B 178 25.34 -2.79 5.85
C HIS B 178 25.30 -3.69 4.62
N ASN B 179 24.26 -4.52 4.57
CA ASN B 179 24.01 -5.51 3.52
C ASN B 179 25.05 -6.63 3.50
N ASN B 180 25.84 -6.77 4.57
CA ASN B 180 26.76 -7.88 4.69
C ASN B 180 25.99 -9.10 5.20
N LYS B 181 26.72 -10.16 5.57
CA LYS B 181 26.13 -11.38 6.08
C LYS B 181 26.64 -11.69 7.48
N ILE B 182 26.71 -10.67 8.33
CA ILE B 182 27.17 -10.87 9.70
C ILE B 182 26.08 -11.57 10.50
N ARG B 183 26.49 -12.55 11.32
CA ARG B 183 25.57 -13.27 12.16
C ARG B 183 26.05 -13.45 13.59
N SER B 184 27.32 -13.23 13.89
CA SER B 184 27.85 -13.37 15.23
C SER B 184 28.80 -12.20 15.54
N LEU B 185 28.74 -11.71 16.77
CA LEU B 185 29.58 -10.61 17.22
C LEU B 185 30.21 -10.98 18.55
N SER B 186 31.53 -10.84 18.63
CA SER B 186 32.23 -11.13 19.88
C SER B 186 31.97 -10.01 20.90
N GLN B 187 32.10 -10.37 22.18
CA GLN B 187 31.81 -9.41 23.24
C GLN B 187 32.87 -8.33 23.32
N HIS B 188 34.07 -8.55 22.77
CA HIS B 188 35.14 -7.57 22.77
C HIS B 188 35.54 -7.17 21.36
N CYS B 189 34.62 -7.26 20.40
CA CYS B 189 34.94 -6.93 19.02
C CYS B 189 35.16 -5.43 18.83
N PHE B 190 34.40 -4.61 19.54
CA PHE B 190 34.38 -3.17 19.31
C PHE B 190 35.23 -2.38 20.28
N ASP B 191 36.10 -3.03 21.03
CA ASP B 191 36.91 -2.33 22.02
C ASP B 191 37.88 -1.37 21.35
N GLY B 192 38.08 -0.20 21.97
CA GLY B 192 39.03 0.78 21.52
C GLY B 192 38.43 1.92 20.72
N LEU B 193 37.20 1.79 20.24
CA LEU B 193 36.55 2.83 19.44
C LEU B 193 35.84 3.82 20.36
N ASP B 194 36.65 4.61 21.06
CA ASP B 194 36.11 5.55 22.03
C ASP B 194 35.47 6.76 21.35
N ASN B 195 35.95 7.16 20.18
CA ASN B 195 35.47 8.35 19.49
C ASN B 195 34.58 8.02 18.30
N LEU B 196 33.89 6.88 18.34
CA LEU B 196 32.97 6.49 17.28
C LEU B 196 31.62 7.15 17.54
N GLU B 197 31.07 7.79 16.51
CA GLU B 197 29.81 8.52 16.64
C GLU B 197 28.65 7.89 15.91
N THR B 198 28.90 7.29 14.74
CA THR B 198 27.84 6.76 13.89
C THR B 198 28.13 5.30 13.57
N LEU B 199 27.15 4.43 13.83
CA LEU B 199 27.30 3.01 13.59
C LEU B 199 26.12 2.50 12.78
N ASP B 200 26.41 1.92 11.61
CA ASP B 200 25.37 1.42 10.72
C ASP B 200 25.56 -0.07 10.49
N LEU B 201 24.58 -0.87 10.91
CA LEU B 201 24.50 -2.30 10.64
C LEU B 201 23.10 -2.62 10.14
N ASN B 202 22.87 -2.49 8.83
CA ASN B 202 21.54 -2.71 8.27
C ASN B 202 21.51 -3.95 7.39
N TYR B 203 20.35 -4.60 7.34
CA TYR B 203 20.07 -5.73 6.47
C TYR B 203 20.97 -6.93 6.75
N ASN B 204 21.63 -6.96 7.90
CA ASN B 204 22.46 -8.10 8.25
C ASN B 204 21.58 -9.20 8.86
N ASN B 205 22.21 -10.33 9.18
CA ASN B 205 21.51 -11.50 9.70
C ASN B 205 21.75 -11.70 11.18
N LEU B 206 21.81 -10.62 11.95
CA LEU B 206 22.01 -10.74 13.39
C LEU B 206 20.83 -11.48 14.02
N GLY B 207 21.15 -12.47 14.85
CA GLY B 207 20.11 -13.30 15.46
C GLY B 207 19.89 -13.01 16.92
N GLU B 208 20.80 -12.26 17.53
CA GLU B 208 20.69 -11.91 18.94
C GLU B 208 21.25 -10.51 19.13
N PHE B 209 20.78 -9.84 20.18
CA PHE B 209 21.19 -8.46 20.42
C PHE B 209 22.66 -8.41 20.79
N PRO B 210 23.47 -7.60 20.11
CA PRO B 210 24.89 -7.51 20.44
C PRO B 210 25.12 -6.90 21.80
N GLN B 211 26.26 -7.26 22.41
CA GLN B 211 26.65 -6.73 23.71
C GLN B 211 27.84 -5.78 23.62
N ALA B 212 28.72 -5.96 22.64
CA ALA B 212 29.94 -5.16 22.57
C ALA B 212 29.66 -3.67 22.45
N ILE B 213 28.46 -3.29 22.01
CA ILE B 213 28.12 -1.87 21.90
C ILE B 213 28.22 -1.18 23.24
N LYS B 214 28.09 -1.92 24.34
CA LYS B 214 28.20 -1.32 25.66
C LYS B 214 29.60 -0.77 25.94
N ALA B 215 30.60 -1.14 25.13
CA ALA B 215 31.92 -0.57 25.29
C ALA B 215 32.03 0.82 24.67
N LEU B 216 31.11 1.18 23.79
CA LEU B 216 31.19 2.47 23.11
C LEU B 216 30.63 3.57 24.02
N PRO B 217 31.42 4.59 24.36
CA PRO B 217 30.94 5.59 25.32
C PRO B 217 30.35 6.85 24.69
N SER B 218 30.53 7.04 23.39
CA SER B 218 30.10 8.27 22.73
C SER B 218 29.41 7.97 21.42
N LEU B 219 28.56 6.95 21.40
CA LEU B 219 27.85 6.55 20.19
C LEU B 219 26.60 7.41 20.02
N LYS B 220 26.59 8.25 18.99
CA LYS B 220 25.46 9.16 18.77
C LYS B 220 24.31 8.46 18.05
N GLU B 221 24.54 8.02 16.82
CA GLU B 221 23.48 7.47 15.97
C GLU B 221 23.70 5.99 15.72
N LEU B 222 22.64 5.20 15.96
CA LEU B 222 22.72 3.75 15.86
C LEU B 222 21.63 3.21 14.95
N GLY B 223 22.02 2.47 13.92
CA GLY B 223 21.00 1.94 13.05
C GLY B 223 21.10 0.48 12.66
N PHE B 224 20.11 -0.32 13.08
CA PHE B 224 19.96 -1.68 12.61
C PHE B 224 18.49 -1.95 12.35
N HIS B 225 18.17 -2.47 11.17
CA HIS B 225 16.82 -2.89 10.84
C HIS B 225 16.89 -4.00 9.80
N SER B 226 15.73 -4.62 9.56
CA SER B 226 15.58 -5.79 8.70
C SER B 226 16.37 -6.99 9.19
N ASN B 227 16.88 -6.94 10.43
CA ASN B 227 17.61 -8.06 11.00
C ASN B 227 16.61 -9.09 11.53
N SER B 228 17.11 -10.07 12.28
CA SER B 228 16.27 -11.10 12.88
C SER B 228 16.20 -10.97 14.41
N ILE B 229 16.53 -9.80 14.95
CA ILE B 229 16.46 -9.58 16.39
C ILE B 229 15.01 -9.70 16.83
N SER B 230 14.79 -10.41 17.94
CA SER B 230 13.45 -10.63 18.46
C SER B 230 13.27 -10.27 19.93
N VAL B 231 14.33 -10.18 20.72
CA VAL B 231 14.24 -9.92 22.15
C VAL B 231 15.16 -8.76 22.50
N ILE B 232 14.64 -7.80 23.25
CA ILE B 232 15.45 -6.67 23.70
C ILE B 232 15.67 -6.78 25.21
N PRO B 233 16.83 -7.24 25.65
CA PRO B 233 17.08 -7.36 27.09
C PRO B 233 17.20 -5.99 27.75
N ASP B 234 16.84 -5.95 29.02
CA ASP B 234 16.90 -4.71 29.77
C ASP B 234 18.36 -4.31 30.03
N GLY B 235 18.56 -3.00 30.21
CA GLY B 235 19.90 -2.49 30.43
C GLY B 235 20.80 -2.52 29.21
N ALA B 236 20.23 -2.69 28.02
CA ALA B 236 21.05 -2.79 26.82
C ALA B 236 21.79 -1.49 26.54
N PHE B 237 21.08 -0.37 26.55
CA PHE B 237 21.64 0.93 26.21
C PHE B 237 22.29 1.62 27.40
N ASP B 238 22.64 0.87 28.44
CA ASP B 238 23.18 1.49 29.66
C ASP B 238 24.51 2.16 29.40
N GLY B 239 25.37 1.55 28.59
CA GLY B 239 26.72 2.05 28.44
C GLY B 239 26.80 3.42 27.80
N ASN B 240 25.99 3.66 26.77
CA ASN B 240 26.09 4.88 26.00
C ASN B 240 24.96 5.83 26.36
N PRO B 241 25.23 6.95 27.02
CA PRO B 241 24.13 7.83 27.44
C PRO B 241 23.53 8.63 26.29
N LEU B 242 24.35 9.18 25.41
CA LEU B 242 23.89 10.14 24.39
C LEU B 242 23.52 9.38 23.12
N LEU B 243 22.22 9.28 22.86
CA LEU B 243 21.73 8.60 21.66
C LEU B 243 20.64 9.47 21.02
N ARG B 244 20.98 10.12 19.90
CA ARG B 244 19.97 10.93 19.22
C ARG B 244 19.00 10.07 18.43
N THR B 245 19.50 9.04 17.74
CA THR B 245 18.65 8.25 16.86
C THR B 245 18.87 6.75 17.03
N ILE B 246 17.78 6.05 17.34
CA ILE B 246 17.69 4.59 17.27
C ILE B 246 16.82 3.96 16.21
N HIS B 247 17.45 3.34 15.21
CA HIS B 247 16.72 2.79 14.08
C HIS B 247 16.42 1.32 14.37
N LEU B 248 15.15 0.95 14.28
CA LEU B 248 14.76 -0.46 14.35
C LEU B 248 13.35 -0.61 13.79
N TYR B 249 13.21 -1.40 12.73
CA TYR B 249 11.90 -1.75 12.19
C TYR B 249 12.06 -3.03 11.37
N ASP B 250 10.91 -3.63 11.04
CA ASP B 250 10.80 -4.91 10.35
C ASP B 250 11.38 -6.07 11.17
N ASN B 251 11.84 -5.83 12.38
CA ASN B 251 12.30 -6.91 13.23
C ASN B 251 11.11 -7.65 13.81
N PRO B 252 11.20 -8.97 13.96
CA PRO B 252 10.12 -9.73 14.63
C PRO B 252 10.27 -9.70 16.16
N LEU B 253 10.19 -8.49 16.72
CA LEU B 253 10.37 -8.34 18.16
C LEU B 253 9.23 -9.00 18.92
N SER B 254 9.57 -9.68 20.01
CA SER B 254 8.58 -10.30 20.86
C SER B 254 8.53 -9.66 22.24
N PHE B 255 9.65 -9.61 22.95
CA PHE B 255 9.70 -9.09 24.30
C PHE B 255 10.67 -7.92 24.39
N VAL B 256 10.26 -6.88 25.11
CA VAL B 256 11.07 -5.69 25.34
C VAL B 256 11.11 -5.44 26.85
N GLY B 257 12.30 -5.22 27.39
CA GLY B 257 12.41 -4.93 28.81
C GLY B 257 11.64 -3.77 29.41
N ASN B 258 11.15 -3.98 30.63
CA ASN B 258 10.43 -2.90 31.32
C ASN B 258 11.16 -1.48 31.38
N SER B 259 12.40 -1.60 31.87
CA SER B 259 13.34 -0.49 31.88
C SER B 259 14.42 -0.30 30.82
N ALA B 260 14.21 -0.84 29.62
CA ALA B 260 15.26 -0.80 28.60
C ALA B 260 15.55 0.62 28.15
N PHE B 261 14.52 1.43 27.94
CA PHE B 261 14.66 2.72 27.27
C PHE B 261 14.86 3.78 28.34
N HIS B 262 15.16 3.40 29.58
CA HIS B 262 15.27 4.38 30.70
C HIS B 262 16.51 5.25 30.62
N ASN B 263 16.47 6.47 31.14
CA ASN B 263 17.63 7.40 31.26
C ASN B 263 18.28 7.80 29.94
N LEU B 264 17.57 7.85 28.81
CA LEU B 264 18.12 8.40 27.58
C LEU B 264 17.79 9.88 27.56
N SER B 265 18.80 10.72 27.75
CA SER B 265 18.56 12.15 27.96
C SER B 265 18.37 12.92 26.66
N ASP B 266 18.56 12.29 25.50
CA ASP B 266 18.53 13.02 24.25
C ASP B 266 17.79 12.29 23.12
N LEU B 267 17.12 11.20 23.41
CA LEU B 267 16.38 10.48 22.36
C LEU B 267 15.22 11.34 21.88
N HIS B 268 15.00 11.33 20.56
CA HIS B 268 13.99 12.17 19.93
C HIS B 268 12.68 11.44 19.66
N SER B 269 12.73 10.25 19.06
CA SER B 269 11.54 9.52 18.69
C SER B 269 11.65 8.07 19.13
N LEU B 270 10.50 7.43 19.32
CA LEU B 270 10.45 6.04 19.74
C LEU B 270 9.32 5.33 18.99
N VAL B 271 9.65 4.22 18.33
CA VAL B 271 8.69 3.45 17.55
C VAL B 271 8.87 1.98 17.87
N ILE B 272 7.77 1.31 18.26
CA ILE B 272 7.76 -0.13 18.50
C ILE B 272 6.52 -0.72 17.83
N ARG B 273 6.73 -1.69 16.96
CA ARG B 273 5.65 -2.34 16.24
C ARG B 273 5.82 -3.86 16.34
N GLY B 274 4.72 -4.57 16.48
CA GLY B 274 4.73 -6.02 16.43
C GLY B 274 5.13 -6.70 17.72
N ALA B 275 5.47 -5.95 18.76
CA ALA B 275 5.85 -6.53 20.05
C ALA B 275 4.59 -7.01 20.76
N SER B 276 4.21 -8.26 20.49
CA SER B 276 2.96 -8.79 21.01
C SER B 276 2.82 -9.12 22.50
N MET B 277 3.86 -9.72 23.09
CA MET B 277 3.73 -10.16 24.47
C MET B 277 3.94 -9.09 25.59
N VAL B 278 4.53 -7.97 25.16
CA VAL B 278 4.80 -6.88 26.09
C VAL B 278 3.38 -6.45 26.42
N GLN B 279 3.09 -6.36 27.73
CA GLN B 279 1.75 -6.03 28.20
C GLN B 279 1.73 -4.90 29.23
N GLN B 280 2.88 -4.36 29.62
CA GLN B 280 2.95 -3.31 30.63
C GLN B 280 3.72 -2.13 30.06
N PHE B 281 3.29 -0.92 30.41
CA PHE B 281 3.86 0.28 29.80
C PHE B 281 5.32 0.43 30.20
N PRO B 282 6.20 0.85 29.29
CA PRO B 282 7.61 1.00 29.62
C PRO B 282 7.84 2.15 30.60
N ASN B 283 8.91 2.02 31.38
CA ASN B 283 9.29 3.07 32.32
C ASN B 283 10.13 4.10 31.59
N LEU B 284 9.60 5.31 31.45
CA LEU B 284 10.22 6.37 30.67
C LEU B 284 10.81 7.47 31.54
N THR B 285 11.22 7.14 32.76
CA THR B 285 11.79 8.13 33.66
C THR B 285 13.08 8.69 33.08
N GLY B 286 13.21 10.02 33.08
CA GLY B 286 14.40 10.69 32.64
C GLY B 286 14.40 11.10 31.18
N THR B 287 13.53 10.53 30.36
CA THR B 287 13.46 10.87 28.95
C THR B 287 12.48 12.03 28.79
N VAL B 288 13.00 13.24 28.58
CA VAL B 288 12.17 14.43 28.52
C VAL B 288 12.36 15.18 27.20
N HIS B 289 12.71 14.47 26.13
CA HIS B 289 12.90 15.09 24.82
C HIS B 289 12.28 14.24 23.72
N LEU B 290 11.14 13.63 24.00
CA LEU B 290 10.51 12.69 23.09
C LEU B 290 9.45 13.42 22.26
N GLU B 291 9.76 13.65 20.98
CA GLU B 291 8.78 14.28 20.09
C GLU B 291 7.66 13.30 19.71
N SER B 292 8.02 12.08 19.36
CA SER B 292 7.05 11.12 18.84
C SER B 292 7.17 9.79 19.57
N LEU B 293 6.02 9.24 19.96
CA LEU B 293 5.95 7.97 20.66
C LEU B 293 4.95 7.08 19.95
N THR B 294 5.33 5.83 19.67
CA THR B 294 4.46 4.91 18.95
C THR B 294 4.65 3.51 19.49
N LEU B 295 3.55 2.90 19.96
CA LEU B 295 3.54 1.51 20.39
C LEU B 295 2.35 0.82 19.76
N THR B 296 2.60 -0.25 19.02
CA THR B 296 1.54 -0.94 18.29
C THR B 296 1.64 -2.44 18.49
N GLY B 297 0.48 -3.11 18.55
CA GLY B 297 0.40 -4.55 18.59
C GLY B 297 0.58 -5.17 19.96
N THR B 298 0.83 -4.37 21.00
CA THR B 298 1.13 -4.90 22.32
C THR B 298 -0.17 -5.28 23.04
N LYS B 299 -0.05 -5.59 24.33
CA LYS B 299 -1.18 -5.93 25.18
C LYS B 299 -1.35 -4.94 26.33
N ILE B 300 -0.98 -3.68 26.09
CA ILE B 300 -1.09 -2.67 27.14
C ILE B 300 -2.55 -2.42 27.46
N SER B 301 -2.85 -2.33 28.77
CA SER B 301 -4.23 -2.12 29.23
C SER B 301 -4.45 -0.80 29.94
N SER B 302 -3.39 -0.15 30.44
CA SER B 302 -3.53 1.09 31.19
C SER B 302 -2.45 2.06 30.76
N ILE B 303 -2.69 3.34 31.03
CA ILE B 303 -1.75 4.41 30.68
C ILE B 303 -1.46 5.24 31.93
N PRO B 304 -0.20 5.49 32.26
CA PRO B 304 0.10 6.34 33.42
C PRO B 304 -0.36 7.77 33.18
N ASN B 305 -0.77 8.42 34.28
CA ASN B 305 -1.33 9.76 34.22
C ASN B 305 -0.27 10.86 34.30
N ASN B 306 0.99 10.51 34.54
CA ASN B 306 2.09 11.47 34.51
C ASN B 306 2.76 11.53 33.15
N LEU B 307 2.14 10.92 32.13
CA LEU B 307 2.83 10.70 30.85
C LEU B 307 3.35 11.99 30.25
N CYS B 308 2.46 12.91 29.89
CA CYS B 308 2.97 14.14 29.29
C CYS B 308 3.07 15.27 30.30
N GLN B 309 2.86 14.98 31.58
CA GLN B 309 3.50 15.78 32.62
C GLN B 309 5.01 15.64 32.56
N GLU B 310 5.49 14.45 32.17
CA GLU B 310 6.91 14.26 31.89
C GLU B 310 7.26 14.71 30.47
N GLN B 311 6.58 14.16 29.46
CA GLN B 311 6.85 14.49 28.06
C GLN B 311 6.28 15.87 27.77
N LYS B 312 7.10 16.90 27.93
CA LYS B 312 6.64 18.26 27.77
C LYS B 312 6.58 18.70 26.32
N MET B 313 7.16 17.94 25.40
CA MET B 313 7.26 18.36 24.00
C MET B 313 6.72 17.32 23.04
N LEU B 314 5.84 16.44 23.51
CA LEU B 314 5.26 15.43 22.64
C LEU B 314 4.38 16.09 21.58
N ARG B 315 4.51 15.64 20.33
CA ARG B 315 3.78 16.23 19.21
C ARG B 315 2.69 15.33 18.65
N THR B 316 3.00 14.05 18.44
CA THR B 316 2.04 13.09 17.92
C THR B 316 1.89 11.94 18.90
N LEU B 317 0.76 11.23 18.82
CA LEU B 317 0.56 10.08 19.68
C LEU B 317 -0.36 9.08 19.00
N ASP B 318 0.12 7.85 18.86
CA ASP B 318 -0.64 6.77 18.25
C ASP B 318 -0.55 5.54 19.13
N LEU B 319 -1.71 4.98 19.47
CA LEU B 319 -1.78 3.73 20.24
C LEU B 319 -2.98 2.95 19.72
N SER B 320 -2.71 1.90 18.94
CA SER B 320 -3.77 1.10 18.34
C SER B 320 -3.46 -0.38 18.56
N TYR B 321 -4.48 -1.20 18.32
CA TYR B 321 -4.37 -2.66 18.47
C TYR B 321 -3.89 -3.05 19.87
N ASN B 322 -4.43 -2.38 20.88
CA ASN B 322 -4.12 -2.67 22.27
C ASN B 322 -5.42 -2.94 23.02
N ASN B 323 -5.32 -3.10 24.33
CA ASN B 323 -6.46 -3.37 25.19
C ASN B 323 -6.70 -2.21 26.17
N ILE B 324 -6.54 -0.98 25.68
CA ILE B 324 -6.79 0.19 26.51
C ILE B 324 -8.28 0.29 26.79
N ARG B 325 -8.64 0.53 28.05
CA ARG B 325 -10.03 0.61 28.47
C ARG B 325 -10.43 1.99 28.95
N ASP B 326 -9.54 2.69 29.66
CA ASP B 326 -9.85 4.01 30.20
C ASP B 326 -8.78 5.00 29.78
N LEU B 327 -9.17 6.27 29.66
CA LEU B 327 -8.27 7.33 29.20
C LEU B 327 -8.02 8.31 30.34
N PRO B 328 -6.77 8.47 30.78
CA PRO B 328 -6.45 9.55 31.72
C PRO B 328 -6.48 10.90 31.03
N SER B 329 -6.60 11.95 31.84
CA SER B 329 -6.73 13.29 31.31
C SER B 329 -5.46 13.72 30.57
N PHE B 330 -5.64 14.51 29.50
CA PHE B 330 -4.55 15.08 28.73
C PHE B 330 -4.45 16.59 28.92
N ASN B 331 -4.83 17.08 30.11
CA ASN B 331 -4.91 18.52 30.32
C ASN B 331 -3.53 19.19 30.32
N GLY B 332 -2.50 18.48 30.79
CA GLY B 332 -1.19 19.09 30.89
C GLY B 332 -0.59 19.44 29.54
N CYS B 333 -0.85 18.61 28.53
CA CYS B 333 -0.22 18.76 27.23
C CYS B 333 -0.56 20.09 26.58
N HIS B 334 0.36 20.61 25.78
CA HIS B 334 0.14 21.81 24.97
C HIS B 334 0.52 21.65 23.51
N ALA B 335 1.54 20.85 23.20
CA ALA B 335 2.04 20.73 21.83
C ALA B 335 1.51 19.50 21.11
N LEU B 336 0.59 18.75 21.73
CA LEU B 336 0.05 17.55 21.12
C LEU B 336 -0.81 17.95 19.92
N GLU B 337 -0.60 17.28 18.78
CA GLU B 337 -1.29 17.64 17.54
C GLU B 337 -2.21 16.53 17.04
N GLU B 338 -1.69 15.33 16.83
CA GLU B 338 -2.45 14.23 16.26
C GLU B 338 -2.59 13.11 17.27
N ILE B 339 -3.81 12.58 17.39
CA ILE B 339 -4.09 11.50 18.34
C ILE B 339 -4.81 10.39 17.62
N SER B 340 -4.28 9.17 17.72
CA SER B 340 -4.89 8.00 17.12
C SER B 340 -5.07 6.91 18.17
N LEU B 341 -6.31 6.44 18.32
CA LEU B 341 -6.62 5.35 19.24
C LEU B 341 -7.66 4.47 18.56
N GLN B 342 -7.24 3.33 18.02
CA GLN B 342 -8.11 2.46 17.25
C GLN B 342 -8.05 1.04 17.79
N ARG B 343 -9.11 0.28 17.52
CA ARG B 343 -9.20 -1.13 17.87
C ARG B 343 -8.93 -1.35 19.35
N ASN B 344 -9.57 -0.53 20.19
CA ASN B 344 -9.39 -0.59 21.62
C ASN B 344 -10.74 -0.76 22.30
N GLN B 345 -10.70 -1.00 23.60
CA GLN B 345 -11.90 -1.30 24.39
C GLN B 345 -12.45 -0.07 25.11
N ILE B 346 -12.31 1.12 24.53
CA ILE B 346 -12.89 2.31 25.13
C ILE B 346 -14.40 2.27 24.98
N TYR B 347 -15.12 2.58 26.06
CA TYR B 347 -16.57 2.54 26.04
C TYR B 347 -17.26 3.82 26.49
N GLN B 348 -16.54 4.80 27.02
CA GLN B 348 -17.17 6.04 27.44
C GLN B 348 -16.19 7.20 27.25
N ILE B 349 -16.75 8.39 27.06
CA ILE B 349 -15.96 9.61 26.92
C ILE B 349 -16.44 10.61 27.97
N LYS B 350 -15.50 11.20 28.68
CA LYS B 350 -15.80 12.21 29.69
C LYS B 350 -15.26 13.57 29.24
N GLU B 351 -15.88 14.57 29.85
CA GLU B 351 -15.61 15.97 29.45
C GLU B 351 -14.18 16.36 29.64
N GLY B 352 -13.67 15.93 30.72
CA GLY B 352 -12.35 16.32 31.14
C GLY B 352 -11.23 15.62 30.40
N THR B 353 -11.54 14.57 29.64
CA THR B 353 -10.51 13.79 28.97
C THR B 353 -9.78 14.62 27.92
N PHE B 354 -10.53 15.39 27.12
CA PHE B 354 -9.96 16.16 26.02
C PHE B 354 -9.91 17.65 26.31
N GLN B 355 -9.92 18.04 27.59
CA GLN B 355 -9.92 19.45 27.95
C GLN B 355 -8.50 19.99 28.00
N GLY B 356 -8.28 21.12 27.32
CA GLY B 356 -7.04 21.86 27.44
C GLY B 356 -6.04 21.69 26.32
N LEU B 357 -6.32 20.83 25.34
CA LEU B 357 -5.40 20.63 24.22
C LEU B 357 -5.64 21.74 23.20
N ILE B 358 -4.74 22.73 23.18
CA ILE B 358 -4.95 23.91 22.35
C ILE B 358 -4.82 23.56 20.87
N SER B 359 -3.76 22.85 20.50
CA SER B 359 -3.35 22.70 19.11
C SER B 359 -3.57 21.28 18.58
N LEU B 360 -4.68 20.66 18.94
CA LEU B 360 -5.02 19.33 18.44
C LEU B 360 -5.76 19.48 17.11
N ARG B 361 -5.24 18.85 16.06
CA ARG B 361 -5.83 18.93 14.73
C ARG B 361 -6.59 17.66 14.34
N ILE B 362 -5.92 16.51 14.37
CA ILE B 362 -6.48 15.26 13.86
C ILE B 362 -6.77 14.32 15.02
N LEU B 363 -8.01 13.85 15.10
CA LEU B 363 -8.43 12.94 16.16
C LEU B 363 -9.07 11.71 15.55
N ASP B 364 -8.65 10.53 16.01
CA ASP B 364 -9.17 9.27 15.49
C ASP B 364 -9.50 8.34 16.64
N LEU B 365 -10.77 7.92 16.73
CA LEU B 365 -11.20 6.88 17.66
C LEU B 365 -12.18 5.99 16.90
N SER B 366 -11.65 4.96 16.26
CA SER B 366 -12.46 4.09 15.41
C SER B 366 -12.44 2.65 15.93
N ARG B 367 -13.51 1.92 15.62
CA ARG B 367 -13.64 0.51 15.96
C ARG B 367 -13.45 0.28 17.47
N ASN B 368 -14.37 0.86 18.24
CA ASN B 368 -14.36 0.73 19.68
C ASN B 368 -15.78 0.47 20.16
N LEU B 369 -15.94 0.39 21.48
CA LEU B 369 -17.24 0.11 22.10
C LEU B 369 -17.82 1.33 22.80
N ILE B 370 -17.55 2.53 22.29
CA ILE B 370 -18.03 3.75 22.93
C ILE B 370 -19.52 3.91 22.64
N HIS B 371 -20.30 4.13 23.70
CA HIS B 371 -21.72 4.40 23.58
C HIS B 371 -22.18 5.65 24.30
N GLU B 372 -21.33 6.25 25.13
CA GLU B 372 -21.67 7.46 25.85
C GLU B 372 -20.60 8.52 25.60
N ILE B 373 -21.02 9.66 25.08
CA ILE B 373 -20.16 10.82 24.87
C ILE B 373 -20.81 12.01 25.58
N HIS B 374 -20.06 12.66 26.46
CA HIS B 374 -20.58 13.82 27.15
C HIS B 374 -20.77 14.98 26.19
N SER B 375 -21.77 15.81 26.48
CA SER B 375 -22.09 16.93 25.60
C SER B 375 -20.93 17.93 25.53
N ARG B 376 -20.29 18.19 26.67
CA ARG B 376 -19.23 19.18 26.76
C ARG B 376 -17.85 18.62 26.45
N ALA B 377 -17.82 17.46 25.80
CA ALA B 377 -16.54 16.79 25.51
C ALA B 377 -15.67 17.66 24.69
N PHE B 378 -16.20 18.01 23.59
CA PHE B 378 -15.46 18.72 22.56
C PHE B 378 -15.64 20.22 22.62
N ALA B 379 -16.29 20.73 23.67
CA ALA B 379 -16.61 22.16 23.72
C ALA B 379 -15.47 23.15 23.65
N THR B 380 -14.51 23.04 24.58
CA THR B 380 -13.39 23.98 24.62
C THR B 380 -12.03 23.48 23.96
N LEU B 381 -12.22 22.44 23.16
CA LEU B 381 -11.11 21.82 22.45
C LEU B 381 -10.88 22.89 21.39
N GLY B 382 -9.61 23.06 21.01
CA GLY B 382 -9.22 24.08 20.07
C GLY B 382 -9.63 23.76 18.64
N PRO B 383 -8.97 24.41 17.67
CA PRO B 383 -9.35 24.20 16.27
C PRO B 383 -9.01 22.78 15.80
N ILE B 384 -10.06 22.00 15.54
CA ILE B 384 -9.91 20.60 15.13
C ILE B 384 -10.45 20.46 13.73
N THR B 385 -9.65 19.86 12.84
CA THR B 385 -9.99 19.78 11.42
C THR B 385 -10.63 18.44 11.06
N ASN B 386 -9.94 17.33 11.33
CA ASN B 386 -10.38 16.01 10.92
C ASN B 386 -10.71 15.17 12.14
N LEU B 387 -11.93 14.66 12.21
CA LEU B 387 -12.36 13.82 13.32
C LEU B 387 -13.00 12.57 12.72
N ASP B 388 -12.59 11.40 13.19
CA ASP B 388 -13.12 10.15 12.68
C ASP B 388 -13.55 9.35 13.89
N VAL B 389 -14.81 8.91 13.89
CA VAL B 389 -15.34 7.99 14.89
C VAL B 389 -16.40 7.16 14.19
N SER B 390 -16.20 5.85 14.13
CA SER B 390 -17.08 5.02 13.33
C SER B 390 -17.04 3.59 13.86
N PHE B 391 -18.01 2.78 13.40
CA PHE B 391 -18.11 1.38 13.76
C PHE B 391 -18.22 1.17 15.27
N ASN B 392 -18.95 2.06 15.93
CA ASN B 392 -19.22 1.96 17.35
C ASN B 392 -20.71 2.15 17.57
N GLU B 393 -21.20 1.43 18.56
CA GLU B 393 -22.59 1.56 18.98
C GLU B 393 -22.73 2.95 19.56
N LEU B 394 -23.26 3.92 18.83
CA LEU B 394 -23.40 5.25 19.37
C LEU B 394 -24.85 5.70 19.19
N THR B 395 -25.43 6.25 20.26
CA THR B 395 -26.84 6.62 20.24
C THR B 395 -27.04 8.08 19.85
N SER B 396 -26.36 9.00 20.54
CA SER B 396 -26.49 10.43 20.28
C SER B 396 -25.11 11.03 20.10
N PHE B 397 -25.00 11.94 19.13
CA PHE B 397 -23.73 12.58 18.81
C PHE B 397 -23.80 14.07 19.10
N PRO B 398 -23.03 14.59 20.04
CA PRO B 398 -23.09 16.01 20.35
C PRO B 398 -22.31 16.84 19.35
N THR B 399 -22.60 18.14 19.35
CA THR B 399 -21.93 19.10 18.47
C THR B 399 -21.75 20.42 19.21
N GLU B 400 -20.55 20.62 19.74
CA GLU B 400 -20.23 21.85 20.48
C GLU B 400 -18.79 22.21 20.17
N GLY B 401 -18.59 23.34 19.50
CA GLY B 401 -17.26 23.74 19.09
C GLY B 401 -16.68 22.96 17.94
N LEU B 402 -17.53 22.36 17.10
CA LEU B 402 -17.09 21.59 15.94
C LEU B 402 -17.21 22.39 14.65
N ASN B 403 -17.45 23.70 14.73
CA ASN B 403 -17.72 24.50 13.53
C ASN B 403 -16.53 24.48 12.58
N GLY B 404 -15.31 24.33 13.09
CA GLY B 404 -14.14 24.32 12.25
C GLY B 404 -13.85 23.00 11.59
N LEU B 405 -14.72 22.01 11.79
CA LEU B 405 -14.41 20.65 11.30
C LEU B 405 -14.41 20.66 9.78
N ASN B 406 -13.70 19.73 9.18
CA ASN B 406 -13.68 19.56 7.73
C ASN B 406 -14.00 18.14 7.30
N GLN B 407 -13.44 17.13 7.97
CA GLN B 407 -13.67 15.73 7.62
C GLN B 407 -14.34 15.03 8.80
N LEU B 408 -15.49 14.42 8.53
CA LEU B 408 -16.25 13.74 9.59
C LEU B 408 -16.82 12.45 9.03
N LYS B 409 -16.46 11.33 9.64
CA LYS B 409 -16.91 10.02 9.20
C LYS B 409 -17.66 9.34 10.34
N LEU B 410 -18.87 8.87 10.03
CA LEU B 410 -19.66 8.03 10.95
C LEU B 410 -20.37 7.00 10.09
N VAL B 411 -19.83 5.79 10.03
CA VAL B 411 -20.44 4.70 9.29
C VAL B 411 -20.39 3.45 10.15
N GLY B 412 -21.49 2.71 10.18
CA GLY B 412 -21.61 1.54 11.04
C GLY B 412 -22.37 1.78 12.32
N ASN B 413 -22.69 3.03 12.63
CA ASN B 413 -23.48 3.36 13.82
C ASN B 413 -24.97 3.28 13.48
N PHE B 414 -25.43 2.04 13.32
CA PHE B 414 -26.83 1.82 12.96
C PHE B 414 -27.77 2.26 14.07
N LYS B 415 -27.31 2.26 15.32
CA LYS B 415 -28.15 2.73 16.41
C LYS B 415 -28.40 4.23 16.33
N LEU B 416 -27.54 4.96 15.64
CA LEU B 416 -27.69 6.41 15.48
C LEU B 416 -28.70 6.67 14.36
N LYS B 417 -29.86 7.22 14.72
CA LYS B 417 -30.89 7.54 13.74
C LYS B 417 -31.32 9.00 13.80
N GLU B 418 -30.77 9.79 14.72
CA GLU B 418 -31.11 11.20 14.81
C GLU B 418 -30.57 11.95 13.61
N ALA B 419 -31.36 12.91 13.11
CA ALA B 419 -30.91 13.74 12.00
C ALA B 419 -29.79 14.67 12.44
N LEU B 420 -29.06 15.18 11.45
CA LEU B 420 -27.90 16.04 11.70
C LEU B 420 -28.25 17.48 11.37
N ALA B 421 -28.00 18.38 12.32
CA ALA B 421 -28.28 19.78 12.12
C ALA B 421 -27.34 20.38 11.10
N ALA B 422 -27.90 21.07 10.10
CA ALA B 422 -27.09 21.64 9.03
C ALA B 422 -26.36 22.91 9.46
N LYS B 423 -26.95 23.70 10.36
CA LYS B 423 -26.39 25.00 10.69
C LYS B 423 -25.06 24.89 11.43
N ASP B 424 -24.87 23.84 12.22
CA ASP B 424 -23.70 23.76 13.08
C ASP B 424 -22.43 23.55 12.26
N PHE B 425 -22.44 22.60 11.34
CA PHE B 425 -21.26 22.26 10.54
C PHE B 425 -21.19 23.23 9.37
N VAL B 426 -20.57 24.39 9.60
CA VAL B 426 -20.54 25.44 8.60
C VAL B 426 -19.54 25.11 7.49
N ASN B 427 -18.38 24.59 7.85
CA ASN B 427 -17.29 24.35 6.91
C ASN B 427 -16.99 22.87 6.70
N LEU B 428 -18.04 22.07 6.59
CA LEU B 428 -17.85 20.60 6.42
C LEU B 428 -17.62 20.36 4.94
N ARG B 429 -16.63 19.57 4.60
CA ARG B 429 -16.31 19.24 3.22
C ARG B 429 -16.75 17.83 2.85
N SER B 430 -16.32 16.83 3.61
CA SER B 430 -16.66 15.43 3.35
C SER B 430 -17.48 14.74 4.43
N LEU B 431 -18.74 14.31 4.14
CA LEU B 431 -19.52 13.43 5.08
C LEU B 431 -19.53 11.94 4.86
N SER B 432 -19.73 11.18 5.91
CA SER B 432 -19.97 9.75 5.96
C SER B 432 -20.95 9.54 7.09
N VAL B 433 -22.18 9.14 6.73
CA VAL B 433 -23.27 8.92 7.71
C VAL B 433 -23.95 7.58 7.41
N PRO B 434 -24.37 6.82 8.43
CA PRO B 434 -24.94 5.49 8.14
C PRO B 434 -26.15 5.36 7.23
N TYR B 435 -27.04 6.35 7.18
CA TYR B 435 -28.24 6.27 6.37
C TYR B 435 -28.29 7.43 5.38
N ALA B 436 -28.65 7.12 4.14
CA ALA B 436 -28.60 8.12 3.08
C ALA B 436 -29.54 9.31 3.23
N TYR B 437 -30.64 9.16 3.98
CA TYR B 437 -31.60 10.23 4.10
C TYR B 437 -31.09 11.41 4.93
N GLN B 438 -30.09 11.17 5.77
CA GLN B 438 -29.61 12.21 6.66
C GLN B 438 -28.94 13.29 5.81
N CYS B 439 -28.27 12.88 4.73
CA CYS B 439 -27.59 13.86 3.88
C CYS B 439 -28.58 14.74 3.11
N CYS B 440 -29.85 14.36 3.07
CA CYS B 440 -30.84 15.20 2.40
C CYS B 440 -30.99 16.55 3.08
N ALA B 441 -30.69 16.63 4.37
CA ALA B 441 -30.69 17.91 5.06
C ALA B 441 -29.70 18.90 4.47
N PHE B 442 -28.48 18.44 4.16
CA PHE B 442 -27.52 19.30 3.48
C PHE B 442 -27.87 19.50 2.01
N ALA B 443 -28.49 18.50 1.39
CA ALA B 443 -28.94 18.57 0.00
C ALA B 443 -27.81 19.00 -0.94
N GLY B 444 -26.67 18.34 -0.80
CA GLY B 444 -25.52 18.63 -1.64
C GLY B 444 -25.27 17.54 -2.68
N ILE B 488 -18.65 22.48 -1.76
CA ILE B 488 -19.48 21.40 -2.27
C ILE B 488 -19.38 20.20 -1.32
N ILE B 489 -20.43 20.00 -0.53
CA ILE B 489 -20.44 18.94 0.47
C ILE B 489 -20.52 17.59 -0.22
N HIS B 490 -19.74 16.62 0.26
CA HIS B 490 -19.72 15.28 -0.29
C HIS B 490 -20.15 14.27 0.76
N CYS B 491 -21.23 13.56 0.46
CA CYS B 491 -21.81 12.55 1.34
C CYS B 491 -21.68 11.30 0.47
N THR B 492 -21.15 10.26 1.12
CA THR B 492 -20.83 9.02 0.41
C THR B 492 -22.12 8.37 0.03
N PRO B 493 -23.02 8.06 0.96
CA PRO B 493 -24.27 7.37 0.63
C PRO B 493 -24.83 7.98 -0.62
N SER B 494 -25.39 7.20 -1.54
CA SER B 494 -25.81 7.70 -2.85
C SER B 494 -26.95 8.71 -2.73
N THR B 495 -27.88 8.48 -1.80
CA THR B 495 -29.11 9.26 -1.63
C THR B 495 -29.72 9.67 -2.98
N GLY B 496 -29.91 8.67 -3.84
CA GLY B 496 -30.42 8.88 -5.19
C GLY B 496 -31.92 8.81 -5.27
N ALA B 497 -32.44 8.51 -6.47
CA ALA B 497 -33.89 8.45 -6.71
C ALA B 497 -34.49 7.35 -5.84
N PHE B 498 -33.86 6.19 -5.81
CA PHE B 498 -34.44 5.07 -5.08
C PHE B 498 -34.67 5.42 -3.62
N LYS B 499 -33.94 6.40 -3.09
CA LYS B 499 -34.12 6.89 -1.72
C LYS B 499 -34.36 8.39 -1.77
N PRO B 500 -35.58 8.83 -2.08
CA PRO B 500 -35.84 10.26 -2.21
C PRO B 500 -35.88 11.07 -0.92
N CYS B 501 -35.80 12.38 -1.07
CA CYS B 501 -35.86 13.38 -0.04
C CYS B 501 -37.24 14.05 0.26
N GLU B 502 -37.82 14.64 -0.81
CA GLU B 502 -39.15 15.32 -0.71
C GLU B 502 -40.44 14.52 -1.00
N TYR B 503 -40.61 13.92 -2.19
CA TYR B 503 -41.79 13.13 -2.51
C TYR B 503 -41.50 11.67 -2.76
N LEU B 504 -42.32 10.79 -2.19
CA LEU B 504 -42.14 9.35 -2.37
C LEU B 504 -42.46 8.93 -3.80
N LEU B 505 -43.61 9.37 -4.32
CA LEU B 505 -44.07 8.93 -5.62
C LEU B 505 -43.54 9.77 -6.77
N GLY B 506 -43.02 10.95 -6.49
CA GLY B 506 -42.46 11.79 -7.54
C GLY B 506 -43.51 12.55 -8.33
N SER B 507 -43.80 12.09 -9.54
CA SER B 507 -44.64 12.84 -10.45
C SER B 507 -46.11 12.80 -10.03
N TRP B 508 -46.78 13.94 -10.20
CA TRP B 508 -48.21 14.03 -9.88
C TRP B 508 -49.03 13.09 -10.76
N MET B 509 -48.62 12.91 -12.02
CA MET B 509 -49.34 11.98 -12.88
C MET B 509 -49.23 10.55 -12.36
N ILE B 510 -48.05 10.14 -11.93
CA ILE B 510 -47.88 8.82 -11.34
C ILE B 510 -48.73 8.69 -10.08
N ARG B 511 -48.76 9.75 -9.27
CA ARG B 511 -49.56 9.74 -8.05
C ARG B 511 -51.03 9.50 -8.36
N LEU B 512 -51.59 10.28 -9.29
CA LEU B 512 -53.01 10.14 -9.58
C LEU B 512 -53.31 8.79 -10.24
N THR B 513 -52.40 8.29 -11.08
CA THR B 513 -52.62 6.98 -11.70
C THR B 513 -52.71 5.84 -10.68
N VAL B 514 -51.81 5.83 -9.69
CA VAL B 514 -51.88 4.76 -8.71
C VAL B 514 -53.08 4.90 -7.77
N TRP B 515 -53.52 6.13 -7.61
CA TRP B 515 -54.69 6.43 -6.77
C TRP B 515 -55.87 5.82 -7.51
N PHE B 516 -55.94 5.98 -8.83
CA PHE B 516 -57.02 5.50 -9.68
C PHE B 516 -57.15 3.99 -9.69
N ILE B 517 -56.05 3.28 -9.95
CA ILE B 517 -56.15 1.82 -9.99
C ILE B 517 -56.36 1.22 -8.59
N PHE B 518 -55.85 1.92 -7.58
CA PHE B 518 -56.06 1.48 -6.21
C PHE B 518 -57.55 1.37 -5.95
N LEU B 519 -58.18 2.52 -6.18
CA LEU B 519 -59.61 2.67 -5.87
C LEU B 519 -60.45 1.61 -6.56
N VAL B 520 -60.51 1.57 -7.88
CA VAL B 520 -61.36 0.69 -8.69
C VAL B 520 -61.02 -0.82 -8.53
N ALA B 521 -59.74 -1.07 -8.25
CA ALA B 521 -59.29 -2.42 -7.95
C ALA B 521 -60.09 -2.75 -6.71
N LEU B 522 -60.02 -1.90 -5.68
CA LEU B 522 -60.75 -2.19 -4.45
C LEU B 522 -62.25 -2.32 -4.72
N PHE B 523 -62.84 -1.32 -5.37
CA PHE B 523 -64.28 -1.32 -5.57
C PHE B 523 -64.74 -2.50 -6.42
N PHE B 524 -64.08 -2.73 -7.55
CA PHE B 524 -64.55 -3.77 -8.45
C PHE B 524 -64.26 -5.15 -7.87
N ASN B 525 -63.16 -5.30 -7.12
CA ASN B 525 -62.91 -6.56 -6.46
C ASN B 525 -63.99 -6.87 -5.44
N LEU B 526 -64.37 -5.87 -4.62
CA LEU B 526 -65.47 -6.09 -3.69
C LEU B 526 -66.77 -6.45 -4.39
N LEU B 527 -67.08 -5.75 -5.50
CA LEU B 527 -68.30 -6.05 -6.24
C LEU B 527 -68.29 -7.50 -6.74
N VAL B 528 -67.19 -7.93 -7.35
CA VAL B 528 -67.17 -9.25 -7.95
C VAL B 528 -67.21 -10.35 -6.89
N ILE B 529 -66.53 -10.14 -5.76
CA ILE B 529 -66.59 -11.17 -4.72
C ILE B 529 -67.98 -11.24 -4.11
N LEU B 530 -68.65 -10.08 -3.97
CA LEU B 530 -70.03 -10.10 -3.48
C LEU B 530 -70.93 -10.85 -4.45
N THR B 531 -70.76 -10.61 -5.75
CA THR B 531 -71.59 -11.31 -6.73
C THR B 531 -71.34 -12.82 -6.69
N THR B 532 -70.08 -13.24 -6.63
CA THR B 532 -69.79 -14.67 -6.76
C THR B 532 -70.10 -15.44 -5.48
N PHE B 533 -69.92 -14.84 -4.31
CA PHE B 533 -70.04 -15.58 -3.07
C PHE B 533 -71.37 -15.39 -2.35
N ALA B 534 -71.92 -14.18 -2.33
CA ALA B 534 -73.14 -13.94 -1.58
C ALA B 534 -74.34 -14.73 -2.13
N SER B 535 -74.30 -15.11 -3.40
CA SER B 535 -75.38 -15.91 -3.96
C SER B 535 -75.46 -17.26 -3.28
N CYS B 536 -76.66 -17.64 -2.86
CA CYS B 536 -76.88 -18.90 -2.15
C CYS B 536 -77.14 -20.03 -3.14
N THR B 537 -76.14 -20.27 -3.98
CA THR B 537 -76.20 -21.32 -5.00
C THR B 537 -75.00 -22.24 -4.84
N SER B 538 -75.11 -23.42 -5.44
CA SER B 538 -73.99 -24.35 -5.46
C SER B 538 -72.80 -23.72 -6.18
N LEU B 539 -71.61 -23.90 -5.62
CA LEU B 539 -70.43 -23.21 -6.12
C LEU B 539 -69.60 -24.14 -6.98
N PRO B 540 -69.49 -23.90 -8.28
CA PRO B 540 -68.57 -24.70 -9.11
C PRO B 540 -67.12 -24.31 -8.89
N SER B 541 -66.24 -25.21 -9.34
CA SER B 541 -64.82 -25.06 -9.12
C SER B 541 -64.29 -23.77 -9.74
N SER B 542 -64.68 -23.49 -10.99
CA SER B 542 -64.19 -22.29 -11.66
C SER B 542 -64.66 -21.04 -10.94
N LYS B 543 -65.91 -21.03 -10.47
CA LYS B 543 -66.43 -19.86 -9.77
C LYS B 543 -65.67 -19.62 -8.47
N LEU B 544 -65.44 -20.68 -7.68
CA LEU B 544 -64.68 -20.46 -6.46
C LEU B 544 -63.23 -20.08 -6.76
N PHE B 545 -62.68 -20.58 -7.86
CA PHE B 545 -61.32 -20.22 -8.26
C PHE B 545 -61.20 -18.72 -8.56
N ILE B 546 -62.13 -18.20 -9.37
CA ILE B 546 -62.09 -16.77 -9.67
C ILE B 546 -62.37 -15.96 -8.41
N GLY B 547 -63.15 -16.52 -7.47
CA GLY B 547 -63.30 -15.86 -6.19
C GLY B 547 -61.99 -15.69 -5.44
N LEU B 548 -61.19 -16.75 -5.37
CA LEU B 548 -59.87 -16.61 -4.74
C LEU B 548 -58.97 -15.64 -5.50
N ILE B 549 -59.08 -15.64 -6.83
CA ILE B 549 -58.35 -14.65 -7.63
C ILE B 549 -58.73 -13.25 -7.16
N SER B 550 -60.02 -13.02 -6.97
CA SER B 550 -60.48 -11.71 -6.51
C SER B 550 -59.92 -11.38 -5.12
N VAL B 551 -59.89 -12.37 -4.23
CA VAL B 551 -59.36 -12.13 -2.88
C VAL B 551 -57.90 -11.70 -2.93
N SER B 552 -57.09 -12.44 -3.71
CA SER B 552 -55.68 -12.09 -3.81
C SER B 552 -55.48 -10.71 -4.42
N ASN B 553 -56.25 -10.40 -5.46
CA ASN B 553 -56.14 -9.09 -6.09
C ASN B 553 -56.57 -7.99 -5.12
N LEU B 554 -57.56 -8.26 -4.27
CA LEU B 554 -57.96 -7.30 -3.26
C LEU B 554 -56.84 -7.03 -2.27
N PHE B 555 -56.13 -8.09 -1.86
CA PHE B 555 -54.99 -7.91 -0.96
C PHE B 555 -53.92 -7.03 -1.60
N MET B 556 -53.63 -7.29 -2.88
CA MET B 556 -52.65 -6.45 -3.58
C MET B 556 -53.11 -5.00 -3.64
N GLY B 557 -54.39 -4.79 -3.90
CA GLY B 557 -54.93 -3.44 -3.91
C GLY B 557 -54.79 -2.59 -2.66
N ILE B 558 -54.94 -3.22 -1.49
CA ILE B 558 -54.89 -2.42 -0.23
C ILE B 558 -53.42 -2.33 0.18
N TYR B 559 -52.54 -3.13 -0.38
CA TYR B 559 -51.11 -2.91 -0.21
C TYR B 559 -50.83 -1.61 -0.94
N THR B 560 -51.31 -1.50 -2.19
CA THR B 560 -51.13 -0.26 -2.94
C THR B 560 -51.77 0.91 -2.20
N GLY B 561 -52.93 0.68 -1.58
CA GLY B 561 -53.58 1.73 -0.83
C GLY B 561 -52.77 2.21 0.36
N ILE B 562 -52.15 1.28 1.09
CA ILE B 562 -51.32 1.69 2.23
C ILE B 562 -50.12 2.50 1.73
N LEU B 563 -49.55 2.12 0.58
CA LEU B 563 -48.45 2.90 0.03
C LEU B 563 -48.90 4.31 -0.32
N THR B 564 -50.08 4.43 -0.94
CA THR B 564 -50.60 5.76 -1.29
C THR B 564 -50.87 6.59 -0.04
N PHE B 565 -51.39 5.96 1.02
CA PHE B 565 -51.62 6.69 2.25
C PHE B 565 -50.31 7.23 2.84
N LEU B 566 -49.26 6.41 2.84
CA LEU B 566 -47.98 6.89 3.33
C LEU B 566 -47.47 8.06 2.50
N ASP B 567 -47.57 7.95 1.17
CA ASP B 567 -47.12 9.05 0.31
C ASP B 567 -47.91 10.32 0.57
N ALA B 568 -49.22 10.19 0.74
CA ALA B 568 -50.05 11.38 1.00
C ALA B 568 -49.70 12.02 2.34
N VAL B 569 -49.47 11.20 3.37
CA VAL B 569 -49.17 11.74 4.69
C VAL B 569 -47.83 12.46 4.69
N SER B 570 -46.82 11.88 4.03
CA SER B 570 -45.46 12.40 4.11
C SER B 570 -45.09 13.29 2.94
N TRP B 571 -46.04 14.09 2.44
CA TRP B 571 -45.75 14.98 1.33
C TRP B 571 -44.72 16.04 1.72
N GLY B 572 -43.68 16.17 0.89
CA GLY B 572 -42.69 17.21 1.06
C GLY B 572 -41.63 16.95 2.11
N ARG B 573 -41.80 15.94 2.98
CA ARG B 573 -40.89 15.72 4.09
C ARG B 573 -40.57 14.25 4.27
N PHE B 574 -40.43 13.50 3.17
CA PHE B 574 -40.22 12.06 3.26
C PHE B 574 -38.90 11.72 3.96
N ALA B 575 -37.93 12.63 3.93
CA ALA B 575 -36.63 12.34 4.53
C ALA B 575 -36.75 12.08 6.03
N GLU B 576 -37.59 12.86 6.71
CA GLU B 576 -37.74 12.69 8.15
C GLU B 576 -38.32 11.32 8.49
N PHE B 577 -39.33 10.88 7.75
CA PHE B 577 -40.02 9.64 8.05
C PHE B 577 -39.34 8.41 7.48
N GLY B 578 -38.39 8.57 6.56
CA GLY B 578 -37.85 7.41 5.85
C GLY B 578 -37.17 6.41 6.77
N ILE B 579 -36.31 6.89 7.67
CA ILE B 579 -35.54 5.99 8.52
C ILE B 579 -36.46 5.18 9.41
N TRP B 580 -37.40 5.87 10.08
CA TRP B 580 -38.31 5.19 10.98
C TRP B 580 -39.21 4.21 10.23
N TRP B 581 -39.70 4.62 9.04
CA TRP B 581 -40.56 3.75 8.27
C TRP B 581 -39.82 2.49 7.83
N GLU B 582 -38.58 2.63 7.37
CA GLU B 582 -37.84 1.47 6.89
C GLU B 582 -37.42 0.56 8.04
N THR B 583 -37.04 1.13 9.18
CA THR B 583 -36.61 0.33 10.31
C THR B 583 -37.77 -0.35 11.02
N GLY B 584 -38.96 0.25 11.01
CA GLY B 584 -40.10 -0.32 11.69
C GLY B 584 -40.65 -1.54 10.98
N SER B 585 -41.67 -2.14 11.61
CA SER B 585 -42.29 -3.34 11.10
C SER B 585 -43.28 -3.08 9.96
N GLY B 586 -43.63 -1.82 9.71
CA GLY B 586 -44.57 -1.52 8.64
C GLY B 586 -44.05 -1.94 7.28
N CYS B 587 -42.78 -1.68 7.02
CA CYS B 587 -42.19 -2.07 5.74
C CYS B 587 -42.22 -3.59 5.57
N LYS B 588 -41.89 -4.32 6.64
CA LYS B 588 -41.94 -5.79 6.58
C LYS B 588 -43.36 -6.26 6.27
N VAL B 589 -44.35 -5.67 6.95
CA VAL B 589 -45.73 -6.08 6.73
C VAL B 589 -46.16 -5.82 5.29
N ALA B 590 -45.83 -4.64 4.77
CA ALA B 590 -46.23 -4.29 3.42
C ALA B 590 -45.58 -5.21 2.39
N GLY B 591 -44.28 -5.46 2.54
CA GLY B 591 -43.60 -6.33 1.60
C GLY B 591 -44.11 -7.75 1.63
N PHE B 592 -44.35 -8.28 2.85
CA PHE B 592 -44.93 -9.61 2.97
C PHE B 592 -46.28 -9.66 2.29
N LEU B 593 -47.11 -8.64 2.49
CA LEU B 593 -48.43 -8.62 1.87
C LEU B 593 -48.32 -8.65 0.35
N ALA B 594 -47.43 -7.83 -0.21
CA ALA B 594 -47.31 -7.76 -1.66
C ALA B 594 -46.83 -9.09 -2.24
N VAL B 595 -45.79 -9.67 -1.64
CA VAL B 595 -45.25 -10.93 -2.14
C VAL B 595 -46.31 -12.03 -2.06
N PHE B 596 -47.02 -12.11 -0.92
CA PHE B 596 -48.04 -13.12 -0.77
C PHE B 596 -49.14 -12.97 -1.82
N SER B 597 -49.59 -11.74 -2.05
CA SER B 597 -50.65 -11.52 -3.03
C SER B 597 -50.21 -11.95 -4.42
N SER B 598 -49.01 -11.54 -4.83
CA SER B 598 -48.55 -11.87 -6.17
C SER B 598 -48.41 -13.38 -6.35
N GLU B 599 -48.03 -14.56 -5.70
CA GLU B 599 -47.86 -16.00 -5.83
C GLU B 599 -49.19 -16.74 -5.82
N SER B 600 -50.10 -16.32 -4.93
CA SER B 600 -51.42 -16.95 -4.89
C SER B 600 -52.15 -16.78 -6.22
N ALA B 601 -52.11 -15.57 -6.78
CA ALA B 601 -52.77 -15.34 -8.06
C ALA B 601 -52.20 -16.25 -9.15
N ILE B 602 -50.86 -16.32 -9.25
CA ILE B 602 -50.25 -17.13 -10.30
C ILE B 602 -50.62 -18.60 -10.14
N PHE B 603 -50.48 -19.14 -8.93
CA PHE B 603 -50.73 -20.56 -8.74
C PHE B 603 -52.21 -20.90 -8.92
N LEU B 604 -53.11 -20.02 -8.46
CA LEU B 604 -54.53 -20.29 -8.64
C LEU B 604 -54.92 -20.24 -10.11
N LEU B 605 -54.32 -19.34 -10.90
CA LEU B 605 -54.58 -19.35 -12.33
C LEU B 605 -54.13 -20.63 -13.03
N MET B 606 -52.93 -21.12 -12.68
CA MET B 606 -52.44 -22.36 -13.26
C MET B 606 -53.36 -23.53 -12.89
N LEU B 607 -53.82 -23.54 -11.65
CA LEU B 607 -54.71 -24.61 -11.21
C LEU B 607 -56.04 -24.46 -11.91
N ALA B 608 -56.46 -23.23 -12.21
CA ALA B 608 -57.69 -23.01 -12.96
C ALA B 608 -57.63 -23.56 -14.38
N THR B 609 -56.49 -23.51 -15.02
CA THR B 609 -56.55 -23.91 -16.42
C THR B 609 -56.32 -25.38 -16.59
N VAL B 610 -55.66 -26.06 -15.65
CA VAL B 610 -55.69 -27.52 -15.69
C VAL B 610 -57.05 -28.09 -15.23
N GLU B 611 -57.72 -27.33 -14.36
CA GLU B 611 -59.04 -27.72 -13.89
C GLU B 611 -59.91 -27.68 -15.14
N ARG B 612 -59.81 -26.61 -15.93
CA ARG B 612 -60.62 -26.52 -17.14
C ARG B 612 -60.25 -27.61 -18.14
N SER B 613 -58.95 -27.84 -18.32
CA SER B 613 -58.51 -28.89 -19.24
C SER B 613 -59.05 -30.29 -18.95
N LEU B 614 -58.90 -30.75 -17.69
CA LEU B 614 -59.40 -32.07 -17.34
C LEU B 614 -60.92 -32.13 -17.19
N SER B 615 -61.55 -30.98 -16.95
CA SER B 615 -63.00 -30.91 -16.91
C SER B 615 -63.46 -31.19 -18.33
N ALA B 616 -62.82 -30.57 -19.31
CA ALA B 616 -63.15 -30.87 -20.71
C ALA B 616 -62.89 -32.34 -21.02
N LYS B 617 -61.71 -32.83 -20.62
CA LYS B 617 -61.36 -34.23 -20.89
C LYS B 617 -62.34 -35.28 -20.38
N ASP B 618 -62.75 -35.15 -19.11
CA ASP B 618 -63.81 -36.01 -18.60
C ASP B 618 -65.27 -35.79 -19.16
N ILE B 619 -65.42 -34.58 -19.70
CA ILE B 619 -66.62 -34.22 -20.44
C ILE B 619 -66.67 -35.19 -21.62
N ASN B 626 -64.82 -35.71 -10.77
CA ASN B 626 -64.58 -36.24 -9.44
C ASN B 626 -63.38 -35.59 -8.75
N HIS B 627 -62.79 -34.56 -9.36
CA HIS B 627 -61.59 -33.92 -8.84
C HIS B 627 -61.89 -32.62 -8.10
N LEU B 628 -63.14 -32.34 -7.78
CA LEU B 628 -63.48 -31.05 -7.17
C LEU B 628 -62.90 -30.92 -5.75
N LYS B 629 -63.05 -31.96 -4.94
CA LYS B 629 -62.55 -31.89 -3.56
C LYS B 629 -61.04 -31.97 -3.68
N GLN B 630 -60.55 -32.83 -4.57
CA GLN B 630 -59.11 -32.88 -4.83
C GLN B 630 -58.45 -31.51 -5.10
N PHE B 631 -59.02 -30.77 -6.05
CA PHE B 631 -58.58 -29.40 -6.29
C PHE B 631 -58.85 -28.32 -5.25
N ARG B 632 -59.89 -28.51 -4.44
CA ARG B 632 -60.16 -27.57 -3.36
C ARG B 632 -59.00 -27.56 -2.35
N VAL B 633 -58.57 -28.74 -1.91
CA VAL B 633 -57.46 -28.80 -0.98
C VAL B 633 -56.14 -28.46 -1.68
N ALA B 634 -56.09 -28.67 -2.99
CA ALA B 634 -54.93 -28.24 -3.77
C ALA B 634 -54.88 -26.72 -3.72
N ALA B 635 -56.03 -26.06 -3.84
CA ALA B 635 -56.08 -24.61 -3.71
C ALA B 635 -55.66 -24.18 -2.32
N LEU B 636 -56.12 -24.90 -1.30
CA LEU B 636 -55.72 -24.58 0.07
C LEU B 636 -54.21 -24.70 0.26
N LEU B 637 -53.64 -25.81 -0.30
CA LEU B 637 -52.19 -26.16 -0.23
C LEU B 637 -51.40 -25.08 -0.98
N ALA B 638 -51.93 -24.52 -2.07
CA ALA B 638 -51.29 -23.46 -2.84
C ALA B 638 -51.33 -22.15 -2.07
N PHE B 639 -52.44 -21.90 -1.38
CA PHE B 639 -52.52 -20.73 -0.50
C PHE B 639 -51.45 -20.83 0.58
N LEU B 640 -51.33 -22.00 1.21
CA LEU B 640 -50.29 -22.19 2.23
C LEU B 640 -48.90 -21.97 1.65
N GLY B 641 -48.64 -22.48 0.45
CA GLY B 641 -47.39 -22.22 -0.21
C GLY B 641 -47.11 -20.75 -0.46
N ALA B 642 -48.15 -20.00 -0.84
CA ALA B 642 -47.99 -18.56 -1.01
C ALA B 642 -47.62 -17.96 0.35
N THR B 643 -48.31 -18.40 1.40
CA THR B 643 -47.99 -17.88 2.74
C THR B 643 -46.52 -18.10 3.10
N VAL B 644 -46.04 -19.34 2.96
CA VAL B 644 -44.66 -19.62 3.36
C VAL B 644 -43.62 -18.96 2.46
N ALA B 645 -43.91 -18.86 1.16
CA ALA B 645 -43.00 -18.17 0.26
C ALA B 645 -42.88 -16.70 0.63
N GLY B 646 -44.00 -16.08 1.01
CA GLY B 646 -43.94 -14.69 1.44
C GLY B 646 -43.15 -14.50 2.71
N CYS B 647 -43.32 -15.39 3.68
CA CYS B 647 -42.69 -15.23 4.99
C CYS B 647 -41.25 -15.71 5.04
N PHE B 648 -40.80 -16.48 4.03
CA PHE B 648 -39.42 -16.98 4.06
C PHE B 648 -38.38 -15.88 4.16
N PRO B 649 -38.42 -14.80 3.36
CA PRO B 649 -37.37 -13.78 3.47
C PRO B 649 -37.32 -13.08 4.82
N LEU B 650 -38.41 -13.11 5.59
CA LEU B 650 -38.46 -12.33 6.83
C LEU B 650 -37.37 -12.75 7.81
N PHE B 651 -37.11 -14.05 7.91
CA PHE B 651 -36.09 -14.54 8.84
C PHE B 651 -34.68 -14.09 8.43
N HIS B 652 -34.48 -13.73 7.18
CA HIS B 652 -33.19 -13.20 6.75
C HIS B 652 -33.04 -11.75 7.20
N ARG B 653 -31.84 -11.20 7.02
CA ARG B 653 -31.51 -9.87 7.50
C ARG B 653 -31.29 -8.91 6.34
N GLY B 654 -31.96 -7.76 6.39
CA GLY B 654 -31.74 -6.70 5.43
C GLY B 654 -32.38 -6.90 4.07
N GLU B 655 -33.19 -7.96 3.90
CA GLU B 655 -33.76 -8.25 2.59
C GLU B 655 -34.91 -7.30 2.25
N TYR B 656 -35.69 -6.89 3.26
CA TYR B 656 -36.87 -6.07 3.02
C TYR B 656 -36.64 -4.58 3.24
N SER B 657 -35.42 -4.18 3.60
CA SER B 657 -35.10 -2.79 3.86
C SER B 657 -34.34 -2.13 2.72
N ALA B 658 -34.26 -2.79 1.56
CA ALA B 658 -33.49 -2.23 0.45
C ALA B 658 -34.10 -0.93 -0.06
N SER B 659 -35.42 -0.87 -0.16
CA SER B 659 -36.10 0.29 -0.72
C SER B 659 -37.25 0.71 0.18
N PRO B 660 -37.63 1.99 0.15
CA PRO B 660 -38.79 2.43 0.93
C PRO B 660 -40.09 1.78 0.51
N LEU B 661 -40.16 1.26 -0.72
CA LEU B 661 -41.37 0.60 -1.20
C LEU B 661 -41.52 -0.81 -0.66
N CYS B 662 -40.52 -1.33 0.04
CA CYS B 662 -40.55 -2.67 0.62
C CYS B 662 -40.76 -3.82 -0.37
N LEU B 663 -40.45 -3.58 -1.65
CA LEU B 663 -40.60 -4.60 -2.67
C LEU B 663 -39.21 -4.96 -3.16
N PRO B 664 -38.77 -6.21 -2.97
CA PRO B 664 -37.38 -6.56 -3.33
C PRO B 664 -37.09 -6.77 -4.81
N PHE B 665 -38.10 -6.91 -5.65
CA PHE B 665 -37.85 -7.25 -7.05
C PHE B 665 -37.11 -6.17 -7.81
N PRO B 666 -37.40 -4.87 -7.64
CA PRO B 666 -36.51 -3.86 -8.23
C PRO B 666 -35.07 -4.06 -7.78
N GLY B 667 -34.87 -4.41 -6.51
CA GLY B 667 -33.53 -4.51 -5.97
C GLY B 667 -32.85 -3.15 -5.97
N GLY B 668 -31.54 -3.18 -6.10
CA GLY B 668 -30.74 -1.96 -6.16
C GLY B 668 -29.34 -2.02 -6.71
N GLU B 669 -28.42 -1.30 -6.07
CA GLU B 669 -27.00 -1.45 -6.43
C GLU B 669 -26.48 -2.96 -6.45
N THR B 670 -26.53 -3.56 -5.26
CA THR B 670 -26.55 -5.02 -5.09
C THR B 670 -27.53 -5.89 -4.27
N PRO B 671 -28.61 -6.36 -4.96
CA PRO B 671 -29.56 -7.28 -4.35
C PRO B 671 -28.94 -8.67 -4.44
N SER B 672 -27.90 -8.80 -5.26
CA SER B 672 -27.14 -10.09 -5.40
C SER B 672 -28.04 -11.33 -5.49
N LEU B 673 -29.15 -11.25 -6.20
CA LEU B 673 -30.06 -12.39 -6.41
C LEU B 673 -30.21 -13.55 -5.42
N GLY B 674 -30.44 -13.22 -4.15
CA GLY B 674 -30.60 -14.26 -3.15
C GLY B 674 -31.79 -15.16 -3.44
N PHE B 675 -32.95 -14.55 -3.72
CA PHE B 675 -34.12 -15.31 -4.14
C PHE B 675 -34.90 -14.64 -5.26
N THR B 676 -34.47 -13.46 -5.73
CA THR B 676 -35.16 -12.81 -6.83
C THR B 676 -35.09 -13.65 -8.10
N VAL B 677 -33.91 -14.19 -8.40
CA VAL B 677 -33.75 -15.05 -9.56
C VAL B 677 -34.61 -16.30 -9.40
N THR B 678 -34.65 -16.87 -8.19
CA THR B 678 -35.49 -18.03 -7.95
C THR B 678 -36.95 -17.72 -8.24
N LEU B 679 -37.45 -16.60 -7.72
CA LEU B 679 -38.85 -16.24 -7.91
C LEU B 679 -39.17 -16.04 -9.39
N VAL B 680 -38.32 -15.30 -10.10
CA VAL B 680 -38.62 -15.06 -11.51
C VAL B 680 -38.52 -16.37 -12.27
N LEU B 681 -37.61 -17.26 -11.87
CA LEU B 681 -37.52 -18.58 -12.50
C LEU B 681 -38.83 -19.34 -12.27
N LEU B 682 -39.33 -19.33 -11.03
CA LEU B 682 -40.60 -20.03 -10.77
C LEU B 682 -41.70 -19.40 -11.61
N ASN B 683 -41.80 -18.07 -11.61
CA ASN B 683 -42.85 -17.45 -12.41
C ASN B 683 -42.78 -17.79 -13.90
N SER B 684 -41.60 -17.65 -14.51
CA SER B 684 -41.46 -18.00 -15.92
C SER B 684 -41.73 -19.46 -16.27
N LEU B 685 -41.26 -20.39 -15.43
CA LEU B 685 -41.47 -21.81 -15.71
C LEU B 685 -42.96 -22.14 -15.68
N ALA B 686 -43.69 -21.63 -14.67
CA ALA B 686 -45.12 -21.85 -14.64
C ALA B 686 -45.83 -21.33 -15.88
N PHE B 687 -45.51 -20.09 -16.28
CA PHE B 687 -46.18 -19.48 -17.43
C PHE B 687 -45.95 -20.28 -18.70
N LEU B 688 -44.71 -20.77 -18.90
CA LEU B 688 -44.45 -21.59 -20.08
C LEU B 688 -45.17 -22.92 -19.97
N LEU B 689 -45.37 -23.43 -18.74
CA LEU B 689 -46.13 -24.67 -18.58
C LEU B 689 -47.57 -24.54 -19.04
N MET B 690 -48.29 -23.52 -18.55
CA MET B 690 -49.66 -23.40 -19.04
C MET B 690 -49.70 -22.89 -20.48
N ALA B 691 -48.64 -22.24 -20.95
CA ALA B 691 -48.57 -21.92 -22.37
C ALA B 691 -48.57 -23.21 -23.19
N VAL B 692 -47.75 -24.18 -22.77
CA VAL B 692 -47.71 -25.48 -23.42
C VAL B 692 -49.06 -26.19 -23.27
N ILE B 693 -49.66 -26.10 -22.08
CA ILE B 693 -50.93 -26.77 -21.84
C ILE B 693 -52.01 -26.22 -22.79
N TYR B 694 -52.06 -24.90 -22.93
CA TYR B 694 -53.06 -24.32 -23.82
C TYR B 694 -52.76 -24.53 -25.30
N THR B 695 -51.49 -24.61 -25.69
CA THR B 695 -51.19 -25.01 -27.06
C THR B 695 -51.67 -26.44 -27.32
N LYS B 696 -51.48 -27.33 -26.35
CA LYS B 696 -52.00 -28.70 -26.46
C LYS B 696 -53.52 -28.68 -26.57
N LEU B 697 -54.18 -27.82 -25.79
CA LEU B 697 -55.63 -27.70 -25.89
C LEU B 697 -56.05 -27.21 -27.26
N TYR B 698 -55.32 -26.25 -27.82
CA TYR B 698 -55.60 -25.78 -29.18
C TYR B 698 -55.50 -26.92 -30.18
N CYS B 699 -54.45 -27.74 -30.06
CA CYS B 699 -54.30 -28.88 -30.96
C CYS B 699 -55.44 -29.88 -30.78
N ASN B 700 -55.84 -30.14 -29.53
CA ASN B 700 -56.82 -31.18 -29.25
C ASN B 700 -58.21 -30.76 -29.72
N LEU B 701 -58.64 -29.55 -29.40
CA LEU B 701 -59.99 -29.10 -29.67
C LEU B 701 -60.01 -28.08 -30.80
N GLU B 702 -60.98 -28.21 -31.68
CA GLU B 702 -61.03 -27.38 -32.89
C GLU B 702 -61.71 -26.04 -32.62
N LYS B 703 -61.48 -25.11 -33.54
CA LYS B 703 -61.95 -23.74 -33.36
C LYS B 703 -63.48 -23.63 -33.44
N GLU B 704 -64.12 -24.44 -34.28
CA GLU B 704 -65.58 -24.40 -34.33
C GLU B 704 -66.20 -24.86 -33.02
N ASP B 705 -65.65 -25.92 -32.41
CA ASP B 705 -66.10 -26.33 -31.09
C ASP B 705 -65.79 -25.28 -30.04
N LEU B 706 -64.64 -24.61 -30.16
CA LEU B 706 -64.32 -23.52 -29.25
C LEU B 706 -65.36 -22.41 -29.34
N SER B 707 -65.77 -22.06 -30.56
CA SER B 707 -66.77 -21.02 -30.74
C SER B 707 -68.13 -21.47 -30.21
N GLU B 708 -68.48 -22.74 -30.39
CA GLU B 708 -69.82 -23.22 -30.05
C GLU B 708 -69.91 -23.82 -28.64
N ASN B 709 -68.86 -23.76 -27.84
CA ASN B 709 -68.88 -24.33 -26.50
C ASN B 709 -68.79 -23.24 -25.45
N SER B 710 -69.73 -23.24 -24.50
CA SER B 710 -69.68 -22.31 -23.38
C SER B 710 -68.49 -22.59 -22.48
N GLN B 711 -68.18 -23.87 -22.25
CA GLN B 711 -66.95 -24.21 -21.54
C GLN B 711 -65.74 -23.62 -22.25
N SER B 712 -65.78 -23.61 -23.58
CA SER B 712 -64.73 -22.94 -24.34
C SER B 712 -64.80 -21.43 -24.22
N SER B 713 -65.97 -20.86 -23.93
CA SER B 713 -66.01 -19.43 -23.61
C SER B 713 -65.28 -19.20 -22.28
N MET B 714 -65.51 -20.07 -21.31
CA MET B 714 -64.69 -20.05 -20.10
C MET B 714 -63.20 -20.17 -20.44
N ILE B 715 -62.87 -21.07 -21.37
CA ILE B 715 -61.48 -21.21 -21.81
C ILE B 715 -60.92 -19.92 -22.42
N LYS B 716 -61.73 -19.23 -23.22
CA LYS B 716 -61.30 -17.96 -23.80
C LYS B 716 -61.04 -16.92 -22.73
N HIS B 717 -61.90 -16.86 -21.71
CA HIS B 717 -61.68 -15.93 -20.61
C HIS B 717 -60.37 -16.24 -19.90
N VAL B 718 -60.11 -17.52 -19.64
CA VAL B 718 -58.86 -17.92 -19.00
C VAL B 718 -57.66 -17.57 -19.88
N ALA B 719 -57.81 -17.73 -21.20
CA ALA B 719 -56.74 -17.37 -22.12
C ALA B 719 -56.45 -15.88 -22.07
N TRP B 720 -57.49 -15.06 -22.03
CA TRP B 720 -57.29 -13.62 -21.87
C TRP B 720 -56.56 -13.32 -20.57
N LEU B 721 -56.98 -13.97 -19.48
CA LEU B 721 -56.35 -13.76 -18.19
C LEU B 721 -54.85 -14.09 -18.24
N ILE B 722 -54.51 -15.25 -18.79
CA ILE B 722 -53.11 -15.69 -18.78
C ILE B 722 -52.29 -14.82 -19.71
N PHE B 723 -52.83 -14.44 -20.86
CA PHE B 723 -52.10 -13.57 -21.77
C PHE B 723 -51.79 -12.23 -21.13
N THR B 724 -52.79 -11.64 -20.45
CA THR B 724 -52.56 -10.39 -19.74
C THR B 724 -51.52 -10.55 -18.65
N ASN B 725 -51.60 -11.64 -17.88
CA ASN B 725 -50.63 -11.85 -16.83
C ASN B 725 -49.22 -11.96 -17.40
N CYS B 726 -49.07 -12.67 -18.52
CA CYS B 726 -47.77 -12.78 -19.16
C CYS B 726 -47.16 -11.44 -19.54
N ILE B 727 -47.91 -10.63 -20.31
CA ILE B 727 -47.33 -9.39 -20.83
C ILE B 727 -47.08 -8.39 -19.72
N PHE B 728 -47.99 -8.33 -18.74
CA PHE B 728 -47.74 -7.43 -17.61
C PHE B 728 -46.67 -7.87 -16.62
N PHE B 729 -46.23 -9.13 -16.66
CA PHE B 729 -45.11 -9.55 -15.82
C PHE B 729 -43.75 -9.57 -16.51
N CYS B 730 -43.75 -9.50 -17.85
CA CYS B 730 -42.48 -9.48 -18.57
C CYS B 730 -41.63 -8.32 -18.04
N PRO B 731 -42.13 -7.09 -17.90
CA PRO B 731 -41.22 -5.97 -17.59
C PRO B 731 -40.47 -6.10 -16.26
N VAL B 732 -41.11 -6.64 -15.22
CA VAL B 732 -40.42 -6.75 -13.93
C VAL B 732 -39.31 -7.80 -14.02
N ALA B 733 -39.56 -8.89 -14.73
CA ALA B 733 -38.53 -9.88 -14.98
C ALA B 733 -37.37 -9.27 -15.75
N PHE B 734 -37.67 -8.45 -16.76
CA PHE B 734 -36.62 -7.78 -17.51
C PHE B 734 -35.80 -6.86 -16.61
N PHE B 735 -36.46 -6.12 -15.72
CA PHE B 735 -35.74 -5.24 -14.81
C PHE B 735 -34.85 -6.03 -13.87
N SER B 736 -35.34 -7.15 -13.35
CA SER B 736 -34.51 -7.98 -12.49
C SER B 736 -33.32 -8.56 -13.25
N PHE B 737 -33.51 -8.85 -14.53
CA PHE B 737 -32.40 -9.32 -15.37
C PHE B 737 -31.47 -8.21 -15.82
N ALA B 738 -31.87 -6.94 -15.67
CA ALA B 738 -31.03 -5.83 -16.12
C ALA B 738 -29.67 -5.78 -15.46
N PRO B 739 -29.53 -5.87 -14.13
CA PRO B 739 -28.17 -5.78 -13.54
C PRO B 739 -27.25 -6.92 -13.96
N LEU B 740 -27.78 -8.07 -14.37
CA LEU B 740 -26.92 -9.17 -14.79
C LEU B 740 -26.14 -8.81 -16.05
N ILE B 741 -26.76 -8.07 -16.97
CA ILE B 741 -26.10 -7.65 -18.19
C ILE B 741 -25.44 -6.29 -17.94
N THR B 742 -24.14 -6.21 -18.24
CA THR B 742 -23.40 -4.98 -17.97
C THR B 742 -23.71 -3.88 -18.98
N ALA B 743 -24.07 -4.25 -20.21
CA ALA B 743 -24.29 -3.26 -21.25
C ALA B 743 -25.51 -2.39 -20.97
N ILE B 744 -26.58 -3.00 -20.45
CA ILE B 744 -27.85 -2.30 -20.31
C ILE B 744 -27.88 -1.56 -18.98
N SER B 745 -28.24 -0.27 -19.02
CA SER B 745 -28.39 0.54 -17.83
C SER B 745 -29.50 1.54 -18.05
N ILE B 746 -30.34 1.75 -17.03
CA ILE B 746 -31.50 2.61 -17.11
C ILE B 746 -31.50 3.51 -15.88
N SER B 747 -32.08 4.71 -16.03
CA SER B 747 -31.87 5.58 -14.88
C SER B 747 -32.89 5.27 -13.77
N PRO B 748 -32.45 5.47 -12.51
CA PRO B 748 -33.25 5.01 -11.37
C PRO B 748 -34.54 5.78 -11.52
N GLU B 749 -34.49 6.97 -12.12
CA GLU B 749 -35.73 7.71 -12.38
C GLU B 749 -36.71 6.73 -13.02
N ILE B 750 -36.47 6.35 -14.27
CA ILE B 750 -37.27 5.34 -14.95
C ILE B 750 -37.58 3.96 -14.37
N MET B 751 -36.58 3.26 -13.80
CA MET B 751 -36.95 1.94 -13.30
C MET B 751 -37.93 2.05 -12.13
N LYS B 752 -37.81 3.09 -11.31
CA LYS B 752 -38.79 3.31 -10.26
C LYS B 752 -40.21 3.52 -10.78
N SER B 753 -40.36 4.36 -11.80
CA SER B 753 -41.69 4.62 -12.35
C SER B 753 -42.46 3.42 -12.89
N VAL B 754 -41.80 2.61 -13.73
CA VAL B 754 -42.51 1.45 -14.26
C VAL B 754 -42.64 0.27 -13.27
N THR B 755 -41.73 0.23 -12.29
CA THR B 755 -41.85 -0.77 -11.24
C THR B 755 -43.11 -0.39 -10.48
N LEU B 756 -43.30 0.91 -10.24
CA LEU B 756 -44.51 1.36 -9.55
C LEU B 756 -45.75 1.10 -10.40
N ILE B 757 -45.68 1.38 -11.71
CA ILE B 757 -46.87 1.31 -12.53
C ILE B 757 -47.20 -0.12 -12.92
N PHE B 758 -46.20 -0.90 -13.34
CA PHE B 758 -46.48 -2.16 -14.01
C PHE B 758 -46.65 -3.32 -13.04
N PHE B 759 -46.57 -3.07 -11.74
CA PHE B 759 -46.74 -4.17 -10.78
C PHE B 759 -48.20 -4.54 -10.54
N PRO B 760 -49.09 -3.63 -10.16
CA PRO B 760 -50.40 -4.04 -9.62
C PRO B 760 -51.52 -4.05 -10.65
N LEU B 761 -51.24 -3.89 -11.95
CA LEU B 761 -52.33 -3.80 -12.91
C LEU B 761 -53.34 -4.97 -12.91
N PRO B 762 -52.91 -6.23 -12.97
CA PRO B 762 -53.88 -7.33 -12.87
C PRO B 762 -54.97 -7.21 -11.82
N ALA B 763 -54.63 -6.68 -10.64
CA ALA B 763 -55.59 -6.56 -9.54
C ALA B 763 -56.67 -5.62 -10.04
N CYS B 764 -56.33 -4.68 -10.93
CA CYS B 764 -57.34 -3.86 -11.58
C CYS B 764 -58.18 -4.40 -12.77
N LEU B 765 -57.48 -4.80 -13.84
CA LEU B 765 -58.22 -5.39 -14.95
C LEU B 765 -58.84 -6.79 -14.93
N ASN B 766 -58.43 -7.67 -14.01
CA ASN B 766 -59.06 -8.99 -13.99
C ASN B 766 -60.54 -8.87 -13.68
N PRO B 767 -60.97 -8.20 -12.60
CA PRO B 767 -62.43 -8.06 -12.39
C PRO B 767 -63.13 -7.32 -13.50
N VAL B 768 -62.49 -6.30 -14.07
CA VAL B 768 -63.09 -5.55 -15.17
C VAL B 768 -63.29 -6.45 -16.38
N LEU B 769 -62.28 -7.26 -16.70
CA LEU B 769 -62.42 -8.20 -17.81
C LEU B 769 -63.58 -9.16 -17.56
N TYR B 770 -63.66 -9.70 -16.35
CA TYR B 770 -64.72 -10.66 -16.05
C TYR B 770 -66.13 -10.12 -16.23
N VAL B 771 -66.43 -8.97 -15.65
CA VAL B 771 -67.78 -8.43 -15.73
C VAL B 771 -68.11 -7.87 -17.12
N PHE B 772 -67.08 -7.45 -17.85
CA PHE B 772 -67.32 -6.87 -19.17
C PHE B 772 -67.59 -8.01 -20.13
N PHE B 773 -66.96 -9.17 -19.93
CA PHE B 773 -67.07 -10.25 -20.92
C PHE B 773 -67.43 -11.65 -20.44
N ASN B 774 -68.29 -11.77 -19.43
CA ASN B 774 -68.91 -13.04 -19.05
C ASN B 774 -70.33 -12.75 -18.59
N PRO B 775 -71.33 -13.20 -19.35
CA PRO B 775 -72.73 -13.00 -18.94
C PRO B 775 -73.01 -13.85 -17.70
N LYS B 776 -72.09 -14.74 -17.33
CA LYS B 776 -72.22 -15.44 -16.05
C LYS B 776 -72.40 -14.45 -14.91
N PHE B 777 -71.62 -13.37 -14.92
CA PHE B 777 -71.82 -12.30 -13.95
C PHE B 777 -73.19 -11.65 -13.98
N LYS B 778 -73.74 -11.43 -15.18
CA LYS B 778 -75.07 -10.84 -15.27
C LYS B 778 -76.12 -11.77 -14.68
N GLU B 779 -75.98 -13.07 -14.94
CA GLU B 779 -76.90 -14.04 -14.35
C GLU B 779 -76.84 -14.01 -12.83
N ASP B 780 -75.62 -13.99 -12.27
CA ASP B 780 -75.48 -13.91 -10.82
C ASP B 780 -75.99 -12.58 -10.27
N TRP B 781 -75.84 -11.49 -11.02
CA TRP B 781 -76.37 -10.21 -10.61
C TRP B 781 -77.90 -10.24 -10.50
N LYS B 782 -78.56 -10.85 -11.48
CA LYS B 782 -80.01 -11.01 -11.39
C LYS B 782 -80.40 -11.90 -10.21
N LEU B 783 -79.63 -12.95 -9.96
CA LEU B 783 -79.93 -13.84 -8.84
C LEU B 783 -79.80 -13.07 -7.54
N LEU B 784 -78.75 -12.26 -7.39
CA LEU B 784 -78.58 -11.52 -6.14
C LEU B 784 -79.60 -10.39 -6.04
N LYS B 785 -80.03 -9.82 -7.16
CA LYS B 785 -81.14 -8.87 -7.12
C LYS B 785 -82.42 -9.52 -6.64
N ARG B 786 -82.71 -10.73 -7.12
CA ARG B 786 -83.87 -11.47 -6.64
C ARG B 786 -83.75 -11.73 -5.14
N ARG B 787 -82.57 -12.13 -4.68
CA ARG B 787 -82.38 -12.41 -3.27
C ARG B 787 -82.56 -11.16 -2.42
N VAL B 788 -82.03 -10.03 -2.89
CA VAL B 788 -82.16 -8.77 -2.16
C VAL B 788 -83.63 -8.35 -2.10
N THR B 789 -84.35 -8.47 -3.21
CA THR B 789 -85.77 -8.13 -3.21
C THR B 789 -86.55 -9.03 -2.26
N LYS B 790 -86.21 -10.31 -2.23
CA LYS B 790 -86.88 -11.23 -1.31
C LYS B 790 -86.59 -10.86 0.14
N LYS B 791 -85.34 -10.51 0.45
CA LYS B 791 -84.99 -10.14 1.81
C LYS B 791 -85.69 -8.85 2.23
N SER B 792 -85.76 -7.87 1.33
CA SER B 792 -86.41 -6.59 1.63
C SER B 792 -87.87 -6.62 1.24
N TYR C 1 69.68 -12.07 -5.91
CA TYR C 1 70.54 -12.17 -4.75
C TYR C 1 69.84 -12.91 -3.62
N SER C 2 68.66 -12.42 -3.24
CA SER C 2 67.86 -13.05 -2.19
C SER C 2 66.72 -13.84 -2.83
N PRO C 3 66.74 -15.17 -2.75
CA PRO C 3 65.70 -15.98 -3.40
C PRO C 3 64.44 -16.00 -2.56
N TYR C 4 63.36 -15.42 -3.10
CA TYR C 4 62.09 -15.35 -2.37
C TYR C 4 60.99 -15.05 -3.36
N CYS C 5 59.99 -15.93 -3.43
CA CYS C 5 58.79 -15.73 -4.26
C CYS C 5 59.16 -15.39 -5.70
N MET C 6 59.79 -16.35 -6.37
CA MET C 6 59.86 -16.29 -7.83
C MET C 6 58.50 -16.65 -8.40
N GLY C 7 58.10 -16.01 -9.49
CA GLY C 7 56.81 -16.33 -10.07
C GLY C 7 56.85 -16.11 -11.57
N TRP C 8 55.85 -16.65 -12.26
CA TRP C 8 55.68 -16.46 -13.70
C TRP C 8 54.24 -16.08 -14.03
N PHE C 9 54.11 -15.20 -15.01
CA PHE C 9 52.83 -14.59 -15.34
C PHE C 9 52.65 -14.61 -16.84
N ARG C 10 51.40 -14.78 -17.25
CA ARG C 10 51.00 -14.80 -18.68
C ARG C 10 50.04 -13.65 -18.92
N GLN C 11 50.10 -12.97 -20.05
CA GLN C 11 49.32 -11.79 -20.39
C GLN C 11 48.88 -11.89 -21.85
N ALA C 12 47.58 -12.02 -22.05
CA ALA C 12 46.99 -12.00 -23.38
C ALA C 12 46.60 -10.57 -23.75
N PRO C 13 46.62 -10.22 -25.03
CA PRO C 13 46.36 -8.83 -25.42
C PRO C 13 44.92 -8.44 -25.14
N GLY C 14 44.75 -7.36 -24.38
CA GLY C 14 43.43 -6.82 -24.10
C GLY C 14 42.78 -7.30 -22.83
N LYS C 15 43.50 -7.99 -21.95
CA LYS C 15 42.93 -8.46 -20.70
C LYS C 15 43.97 -8.29 -19.59
N ALA C 16 43.69 -8.91 -18.44
CA ALA C 16 44.50 -8.72 -17.24
C ALA C 16 45.75 -9.60 -17.32
N ARG C 17 46.48 -9.66 -16.21
CA ARG C 17 47.69 -10.48 -16.10
C ARG C 17 47.35 -11.47 -15.00
N GLU C 18 47.53 -12.75 -15.30
CA GLU C 18 47.24 -13.81 -14.31
C GLU C 18 48.53 -14.58 -14.08
N GLY C 19 48.57 -15.37 -13.03
CA GLY C 19 49.75 -16.16 -12.71
C GLY C 19 49.69 -17.63 -13.08
N VAL C 20 50.86 -18.23 -13.28
CA VAL C 20 50.97 -19.67 -13.47
C VAL C 20 51.71 -20.21 -12.26
N ALA C 21 51.92 -21.52 -12.20
CA ALA C 21 52.55 -22.14 -11.04
C ALA C 21 53.82 -21.42 -10.64
N THR C 22 53.95 -21.12 -9.35
CA THR C 22 55.09 -20.40 -8.79
C THR C 22 55.66 -21.21 -7.63
N VAL C 23 56.97 -21.10 -7.44
CA VAL C 23 57.65 -21.79 -6.35
C VAL C 23 58.18 -20.77 -5.36
N ASP C 24 58.23 -21.18 -4.10
CA ASP C 24 58.67 -20.30 -3.01
C ASP C 24 60.14 -20.55 -2.73
N LEU C 25 60.62 -20.15 -1.56
CA LEU C 25 61.99 -20.44 -1.14
C LEU C 25 62.18 -21.90 -0.79
N ASP C 26 61.20 -22.51 -0.09
CA ASP C 26 61.31 -23.88 0.39
C ASP C 26 60.72 -24.91 -0.58
N GLY C 27 60.52 -24.54 -1.84
CA GLY C 27 59.87 -25.45 -2.76
C GLY C 27 58.37 -25.49 -2.52
N SER C 28 57.75 -26.62 -2.82
CA SER C 28 56.30 -26.75 -2.58
C SER C 28 55.59 -25.74 -3.48
N THR C 29 55.76 -25.84 -4.78
CA THR C 29 55.21 -24.82 -5.67
C THR C 29 53.69 -24.83 -5.65
N ILE C 30 53.11 -23.64 -5.53
CA ILE C 30 51.67 -23.48 -5.70
C ILE C 30 51.38 -23.58 -7.19
N TYR C 31 50.38 -24.38 -7.55
CA TYR C 31 50.22 -24.86 -8.92
C TYR C 31 48.83 -24.46 -9.41
N ALA C 32 48.79 -23.78 -10.57
CA ALA C 32 47.53 -23.26 -11.07
C ALA C 32 46.66 -24.36 -11.66
N ASP C 33 45.39 -24.04 -11.91
CA ASP C 33 44.42 -25.06 -12.37
C ASP C 33 44.81 -25.65 -13.73
N SER C 34 45.40 -24.87 -14.64
CA SER C 34 45.63 -25.38 -16.01
C SER C 34 47.06 -25.88 -16.24
N VAL C 35 47.89 -26.03 -15.19
CA VAL C 35 49.28 -26.36 -15.43
C VAL C 35 49.69 -27.79 -15.03
N LYS C 36 48.90 -28.43 -14.16
CA LYS C 36 49.21 -29.79 -13.75
C LYS C 36 49.14 -30.63 -15.01
N GLY C 37 50.18 -31.43 -15.24
CA GLY C 37 50.28 -32.24 -16.43
C GLY C 37 50.68 -31.50 -17.68
N ARG C 38 50.99 -30.21 -17.59
CA ARG C 38 51.35 -29.42 -18.75
C ARG C 38 52.73 -28.82 -18.63
N PHE C 39 53.01 -28.08 -17.55
CA PHE C 39 54.27 -27.39 -17.38
C PHE C 39 55.08 -27.85 -16.18
N THR C 40 56.39 -27.70 -16.29
CA THR C 40 57.32 -28.05 -15.22
C THR C 40 58.17 -26.83 -14.88
N ILE C 41 58.37 -26.60 -13.59
CA ILE C 41 59.12 -25.46 -13.08
C ILE C 41 60.22 -25.97 -12.16
N SER C 42 61.44 -25.47 -12.37
CA SER C 42 62.57 -25.81 -11.53
C SER C 42 63.36 -24.55 -11.26
N GLN C 43 64.16 -24.55 -10.19
CA GLN C 43 64.89 -23.35 -9.82
C GLN C 43 66.16 -23.77 -9.09
N ASP C 44 67.31 -23.30 -9.57
CA ASP C 44 68.59 -23.53 -8.92
C ASP C 44 69.08 -22.23 -8.30
N ASN C 45 69.46 -22.29 -7.03
CA ASN C 45 69.94 -21.13 -6.30
C ASN C 45 71.46 -21.04 -6.29
N ALA C 46 72.15 -21.92 -7.03
CA ALA C 46 73.60 -21.81 -7.13
C ALA C 46 73.98 -20.57 -7.91
N LYS C 47 73.40 -20.40 -9.09
CA LYS C 47 73.32 -19.15 -9.85
C LYS C 47 72.03 -18.14 -9.85
N ASN C 48 70.99 -18.78 -9.33
CA ASN C 48 69.68 -18.19 -9.09
C ASN C 48 69.14 -18.11 -10.51
N THR C 49 69.03 -19.26 -11.17
CA THR C 49 68.37 -19.37 -12.47
C THR C 49 67.19 -20.33 -12.35
N LEU C 50 66.04 -19.92 -12.87
CA LEU C 50 64.87 -20.77 -12.87
C LEU C 50 64.59 -21.21 -14.30
N TYR C 51 64.16 -22.46 -14.45
CA TYR C 51 63.89 -23.06 -15.74
C TYR C 51 62.44 -23.49 -15.82
N LEU C 52 61.85 -23.32 -17.01
CA LEU C 52 60.49 -23.76 -17.27
C LEU C 52 60.49 -24.67 -18.50
N GLN C 53 59.58 -25.64 -18.49
CA GLN C 53 59.45 -26.55 -19.63
C GLN C 53 58.03 -26.77 -20.11
N MET C 54 57.88 -26.80 -21.44
CA MET C 54 56.60 -27.04 -22.10
C MET C 54 56.33 -28.42 -22.65
N ASN C 55 55.16 -28.99 -22.33
CA ASN C 55 54.81 -30.32 -22.78
C ASN C 55 53.43 -30.44 -23.42
N SER C 56 53.38 -30.73 -24.71
CA SER C 56 52.06 -30.92 -25.34
C SER C 56 51.26 -29.64 -25.11
N LEU C 57 51.66 -28.55 -25.77
CA LEU C 57 50.99 -27.28 -25.52
C LEU C 57 49.91 -27.22 -26.59
N LYS C 58 48.84 -26.49 -26.29
CA LYS C 58 47.76 -26.29 -27.23
C LYS C 58 47.95 -25.00 -28.01
N PRO C 59 47.36 -24.89 -29.20
CA PRO C 59 47.59 -23.68 -30.02
C PRO C 59 47.19 -22.38 -29.33
N GLU C 60 46.15 -22.40 -28.51
CA GLU C 60 45.70 -21.18 -27.84
C GLU C 60 46.61 -20.91 -26.62
N ASP C 61 46.19 -19.97 -25.78
CA ASP C 61 46.93 -19.55 -24.58
C ASP C 61 48.41 -19.31 -24.87
N THR C 62 48.70 -18.77 -26.05
CA THR C 62 50.05 -18.36 -26.44
C THR C 62 50.08 -16.83 -26.46
N ALA C 63 50.81 -16.24 -25.53
CA ALA C 63 50.73 -14.81 -25.31
C ALA C 63 52.09 -14.39 -24.77
N MET C 64 52.18 -13.16 -24.29
CA MET C 64 53.43 -12.68 -23.70
C MET C 64 53.58 -13.25 -22.31
N TYR C 65 54.81 -13.44 -21.87
CA TYR C 65 55.06 -14.01 -20.53
C TYR C 65 55.91 -13.07 -19.76
N TYR C 66 56.04 -13.21 -18.44
CA TYR C 66 56.95 -12.48 -17.58
C TYR C 66 57.39 -13.36 -16.41
N CYS C 67 58.57 -13.03 -15.86
CA CYS C 67 59.05 -13.60 -14.62
C CYS C 67 59.14 -12.51 -13.58
N ALA C 68 58.82 -12.84 -12.33
CA ALA C 68 58.71 -11.86 -11.26
C ALA C 68 59.45 -12.34 -10.01
N SER C 69 60.05 -11.38 -9.32
CA SER C 69 60.90 -11.62 -8.17
C SER C 69 60.53 -10.67 -7.04
N ARG C 70 60.88 -11.07 -5.82
CA ARG C 70 60.66 -10.27 -4.63
C ARG C 70 61.79 -10.51 -3.64
N THR C 71 62.25 -9.44 -2.99
CA THR C 71 63.31 -9.54 -2.00
C THR C 71 62.83 -9.34 -0.57
N ARG C 72 61.64 -8.80 -0.38
CA ARG C 72 61.11 -8.55 0.95
C ARG C 72 60.57 -9.84 1.56
N ALA C 73 59.91 -9.72 2.71
CA ALA C 73 59.34 -10.86 3.40
C ALA C 73 58.19 -10.40 4.27
N GLY C 74 57.41 -11.36 4.76
CA GLY C 74 56.28 -11.09 5.62
C GLY C 74 54.92 -11.29 5.01
N VAL C 75 54.83 -11.83 3.79
CA VAL C 75 53.56 -12.06 3.12
C VAL C 75 53.56 -13.47 2.55
N THR C 76 52.45 -14.17 2.71
CA THR C 76 52.33 -15.53 2.21
C THR C 76 52.26 -15.54 0.69
N CYS C 77 52.69 -16.66 0.10
CA CYS C 77 52.61 -16.87 -1.33
C CYS C 77 51.16 -17.14 -1.72
N GLY C 78 50.72 -16.54 -2.82
CA GLY C 78 49.34 -16.72 -3.26
C GLY C 78 49.18 -16.81 -4.76
N LEU C 79 50.30 -16.87 -5.49
CA LEU C 79 50.28 -16.94 -6.95
C LEU C 79 49.49 -15.75 -7.53
N ASN C 80 49.64 -14.60 -6.90
CA ASN C 80 48.87 -13.41 -7.27
C ASN C 80 49.82 -12.24 -7.47
N TRP C 81 49.49 -11.38 -8.43
CA TRP C 81 50.31 -10.21 -8.71
C TRP C 81 50.16 -9.19 -7.59
N ALA C 82 50.79 -8.03 -7.78
CA ALA C 82 50.82 -6.93 -6.82
C ALA C 82 51.55 -7.28 -5.54
N ILE C 83 52.38 -8.32 -5.56
CA ILE C 83 53.19 -8.68 -4.41
C ILE C 83 54.67 -8.81 -4.76
N PHE C 84 55.02 -8.78 -6.04
CA PHE C 84 56.40 -8.95 -6.49
C PHE C 84 56.98 -7.58 -6.82
N SER C 85 58.15 -7.28 -6.24
CA SER C 85 58.74 -5.97 -6.41
C SER C 85 59.39 -5.81 -7.79
N TYR C 86 60.00 -6.86 -8.31
CA TYR C 86 60.76 -6.80 -9.55
C TYR C 86 60.07 -7.62 -10.64
N TRP C 87 60.05 -7.07 -11.85
CA TRP C 87 59.39 -7.71 -12.99
C TRP C 87 60.35 -7.78 -14.17
N GLY C 88 60.23 -8.87 -14.94
CA GLY C 88 61.03 -9.01 -16.14
C GLY C 88 60.36 -8.34 -17.33
N GLN C 89 61.10 -8.27 -18.46
CA GLN C 89 60.59 -7.61 -19.68
C GLN C 89 59.63 -8.55 -20.43
N GLY C 90 59.85 -9.84 -20.25
CA GLY C 90 58.93 -10.81 -20.81
C GLY C 90 59.27 -11.27 -22.20
N THR C 91 58.54 -12.26 -22.73
CA THR C 91 58.84 -12.85 -24.02
C THR C 91 57.56 -13.43 -24.60
N GLN C 92 57.45 -13.40 -25.92
CA GLN C 92 56.26 -13.91 -26.60
C GLN C 92 56.51 -15.34 -27.06
N VAL C 93 55.60 -16.24 -26.72
CA VAL C 93 55.70 -17.65 -27.07
C VAL C 93 54.46 -18.03 -27.88
N THR C 94 54.66 -18.63 -29.04
CA THR C 94 53.55 -19.07 -29.88
C THR C 94 54.01 -20.15 -30.86
#